data_8DSV
#
_entry.id   8DSV
#
_cell.length_a   75.080
_cell.length_b   86.700
_cell.length_c   152.130
_cell.angle_alpha   90.000
_cell.angle_beta   90.000
_cell.angle_gamma   90.000
#
_symmetry.space_group_name_H-M   'P 21 21 21'
#
loop_
_entity.id
_entity.type
_entity.pdbx_description
1 polymer 'FAD-dependent oxidoreductase'
2 non-polymer 'DIHYDROFLAVINE-ADENINE DINUCLEOTIDE'
3 non-polymer 'TETRAETHYLENE GLYCOL'
4 non-polymer DI(HYDROXYETHYL)ETHER
5 non-polymer N-methylmyosmine
6 water water
#
_entity_poly.entity_id   1
_entity_poly.type   'polypeptide(L)'
_entity_poly.pdbx_seq_one_letter_code
;GFDYDVVVVGGGFAGATAARECGLQGYRTLLLEARSRLGGRTFTSRFAGQEIEFGGAWVHWLQPHVWAEMQRYGLGVVED
PLTNLDKTLIMYNDGSVESISPDEFGKNIRIAFEKLCHDAWEVFPRPHEPMFTERARELDKSSVLDRIKTLGLSRLQQAQ
INSYMALYAGETTDKFGLPGVLKLFACGGWNYDAFMDTETHYRIQGGTIGLINAMLTDSGAEVRMSVPVTAVEQVNGGVK
IKTDDDEIITAGVVVMTVPLNTYKHIGFTPALSKGKQRFIKEGQLSKGAKLYVHVKQNLGRVFAFADEQQPLNWVQTHDY
SDELGTILSITIARKETIDVNDRDAVTREVQKMFPGVEVLGTAAYDWTADPFSLGAWAAYGVGQLSRLKDLQAAEGRILF
AGAETSNGWHANIDGAVESGLRAGREVKQLLS
;
_entity_poly.pdbx_strand_id   A,B
#
# COMPACT_ATOMS: atom_id res chain seq x y z
N GLY A 1 -25.44 -8.37 27.70
CA GLY A 1 -24.83 -8.24 29.02
C GLY A 1 -23.72 -9.25 29.25
N PHE A 2 -22.78 -9.33 28.31
CA PHE A 2 -21.74 -10.34 28.36
C PHE A 2 -20.48 -9.83 29.05
N ASP A 3 -19.49 -10.71 29.20
CA ASP A 3 -18.24 -10.35 29.85
C ASP A 3 -17.43 -9.36 29.03
N TYR A 4 -17.51 -9.44 27.70
CA TYR A 4 -16.76 -8.57 26.82
C TYR A 4 -17.60 -8.25 25.60
N ASP A 5 -17.30 -7.12 24.97
CA ASP A 5 -17.93 -6.83 23.69
C ASP A 5 -17.38 -7.75 22.61
N VAL A 6 -16.07 -7.93 22.56
CA VAL A 6 -15.43 -8.72 21.51
C VAL A 6 -14.24 -9.46 22.09
N VAL A 7 -14.09 -10.72 21.69
CA VAL A 7 -12.93 -11.54 22.05
C VAL A 7 -12.19 -11.91 20.78
N VAL A 8 -10.90 -11.58 20.74
CA VAL A 8 -10.02 -11.88 19.62
C VAL A 8 -9.16 -13.07 19.99
N VAL A 9 -9.27 -14.16 19.23
CA VAL A 9 -8.50 -15.37 19.46
C VAL A 9 -7.29 -15.33 18.53
N GLY A 10 -6.10 -15.11 19.10
CA GLY A 10 -4.87 -15.10 18.34
C GLY A 10 -4.07 -13.82 18.50
N GLY A 11 -2.78 -13.95 18.82
CA GLY A 11 -1.94 -12.79 19.12
C GLY A 11 -0.91 -12.47 18.05
N GLY A 12 -1.16 -12.89 16.82
CA GLY A 12 -0.34 -12.48 15.70
C GLY A 12 -0.75 -11.11 15.22
N PHE A 13 -0.32 -10.79 13.99
CA PHE A 13 -0.60 -9.47 13.44
C PHE A 13 -2.09 -9.29 13.17
N ALA A 14 -2.75 -10.33 12.67
CA ALA A 14 -4.19 -10.24 12.41
C ALA A 14 -4.96 -9.94 13.69
N GLY A 15 -4.70 -10.71 14.75
CA GLY A 15 -5.38 -10.48 16.01
C GLY A 15 -5.06 -9.13 16.60
N ALA A 16 -3.78 -8.72 16.54
CA ALA A 16 -3.39 -7.43 17.11
C ALA A 16 -4.07 -6.28 16.38
N THR A 17 -4.17 -6.37 15.06
CA THR A 17 -4.84 -5.32 14.29
C THR A 17 -6.33 -5.28 14.61
N ALA A 18 -6.98 -6.45 14.63
CA ALA A 18 -8.39 -6.49 15.00
C ALA A 18 -8.63 -5.89 16.37
N ALA A 19 -7.76 -6.23 17.33
CA ALA A 19 -7.91 -5.73 18.68
C ALA A 19 -7.72 -4.22 18.72
N ARG A 20 -6.78 -3.69 17.94
CA ARG A 20 -6.58 -2.25 17.91
C ARG A 20 -7.84 -1.55 17.39
N GLU A 21 -8.39 -2.05 16.27
CA GLU A 21 -9.59 -1.44 15.72
C GLU A 21 -10.74 -1.47 16.73
N CYS A 22 -11.01 -2.65 17.30
CA CYS A 22 -12.13 -2.77 18.22
C CYS A 22 -11.94 -1.90 19.46
N GLY A 23 -10.73 -1.88 20.01
CA GLY A 23 -10.49 -1.10 21.21
C GLY A 23 -10.65 0.39 20.96
N LEU A 24 -10.12 0.88 19.84
CA LEU A 24 -10.27 2.30 19.57
C LEU A 24 -11.69 2.65 19.18
N GLN A 25 -12.53 1.67 18.89
CA GLN A 25 -13.96 1.97 18.77
C GLN A 25 -14.67 2.02 20.12
N GLY A 26 -13.97 1.75 21.21
CA GLY A 26 -14.56 1.84 22.53
C GLY A 26 -15.14 0.55 23.07
N TYR A 27 -15.04 -0.55 22.33
CA TYR A 27 -15.54 -1.83 22.81
C TYR A 27 -14.65 -2.37 23.92
N ARG A 28 -15.28 -3.08 24.87
CA ARG A 28 -14.54 -3.84 25.86
C ARG A 28 -13.96 -5.07 25.18
N THR A 29 -12.64 -5.12 25.03
CA THR A 29 -11.98 -6.06 24.14
C THR A 29 -11.03 -6.95 24.91
N LEU A 30 -11.09 -8.26 24.65
CA LEU A 30 -10.15 -9.21 25.21
C LEU A 30 -9.43 -9.94 24.09
N LEU A 31 -8.14 -10.21 24.27
CA LEU A 31 -7.36 -11.00 23.33
C LEU A 31 -6.77 -12.20 24.04
N LEU A 32 -6.97 -13.39 23.44
CA LEU A 32 -6.50 -14.65 23.98
C LEU A 32 -5.45 -15.22 23.03
N GLU A 33 -4.24 -15.42 23.53
CA GLU A 33 -3.14 -16.02 22.78
C GLU A 33 -2.77 -17.35 23.40
N ALA A 34 -2.62 -18.37 22.56
CA ALA A 34 -2.39 -19.72 23.07
C ALA A 34 -0.95 -19.91 23.54
N ARG A 35 0.01 -19.34 22.82
CA ARG A 35 1.40 -19.44 23.22
C ARG A 35 1.65 -18.53 24.43
N SER A 36 2.85 -18.68 25.00
CA SER A 36 3.29 -17.76 26.05
C SER A 36 3.89 -16.48 25.48
N ARG A 37 3.88 -16.31 24.16
CA ARG A 37 4.44 -15.15 23.49
C ARG A 37 3.45 -14.64 22.45
N LEU A 38 3.64 -13.40 22.04
CA LEU A 38 2.93 -12.85 20.89
C LEU A 38 3.78 -12.99 19.64
N GLY A 39 3.17 -12.69 18.50
CA GLY A 39 3.84 -12.67 17.21
C GLY A 39 3.38 -13.77 16.27
N GLY A 40 2.95 -14.90 16.82
CA GLY A 40 2.48 -15.99 15.97
C GLY A 40 3.58 -16.49 15.06
N ARG A 41 3.36 -16.37 13.76
CA ARG A 41 4.32 -16.84 12.77
C ARG A 41 5.42 -15.83 12.48
N THR A 42 5.49 -14.73 13.23
CA THR A 42 6.70 -13.93 13.34
C THR A 42 7.31 -14.17 14.71
N PHE A 43 8.63 -14.33 14.74
CA PHE A 43 9.31 -14.69 15.99
C PHE A 43 10.78 -14.31 15.88
N THR A 44 11.16 -13.24 16.57
CA THR A 44 12.55 -12.80 16.64
C THR A 44 13.23 -13.42 17.84
N SER A 45 14.40 -14.03 17.62
CA SER A 45 15.13 -14.71 18.69
C SER A 45 16.61 -14.42 18.53
N ARG A 46 17.43 -15.20 19.23
CA ARG A 46 18.88 -15.00 19.22
C ARG A 46 19.57 -16.34 19.07
N PHE A 47 20.69 -16.33 18.32
CA PHE A 47 21.48 -17.52 18.05
C PHE A 47 22.94 -17.11 17.86
N ALA A 48 23.84 -17.82 18.53
CA ALA A 48 25.28 -17.62 18.36
C ALA A 48 25.66 -16.16 18.53
N GLY A 49 25.06 -15.50 19.52
CA GLY A 49 25.38 -14.12 19.81
C GLY A 49 24.78 -13.10 18.88
N GLN A 50 23.81 -13.47 18.05
CA GLN A 50 23.21 -12.55 17.09
C GLN A 50 21.69 -12.64 17.15
N GLU A 51 21.05 -11.61 16.60
CA GLU A 51 19.60 -11.64 16.41
C GLU A 51 19.26 -12.38 15.14
N ILE A 52 18.23 -13.21 15.21
CA ILE A 52 17.76 -13.99 14.06
C ILE A 52 16.24 -13.93 14.01
N GLU A 53 15.71 -14.23 12.84
CA GLU A 53 14.27 -14.29 12.62
C GLU A 53 13.89 -15.72 12.29
N PHE A 54 13.07 -16.33 13.15
CA PHE A 54 12.60 -17.68 12.90
C PHE A 54 11.38 -17.73 11.96
N GLY A 55 10.64 -16.63 11.85
CA GLY A 55 9.48 -16.59 10.97
C GLY A 55 9.51 -15.39 10.04
N GLY A 56 8.34 -14.80 9.84
CA GLY A 56 8.24 -13.62 8.99
C GLY A 56 8.80 -12.37 9.64
N ALA A 57 9.38 -11.50 8.81
CA ALA A 57 10.05 -10.31 9.30
C ALA A 57 10.04 -9.16 8.30
N TRP A 58 9.88 -9.47 7.01
CA TRP A 58 10.19 -8.53 5.94
C TRP A 58 8.93 -7.90 5.34
N VAL A 59 9.00 -6.60 5.10
CA VAL A 59 7.88 -5.79 4.64
C VAL A 59 8.36 -4.86 3.54
N HIS A 60 7.44 -4.06 2.99
CA HIS A 60 7.75 -3.16 1.89
C HIS A 60 6.66 -2.11 1.79
N TRP A 61 6.99 -0.98 1.15
CA TRP A 61 6.02 0.10 1.01
C TRP A 61 4.97 -0.19 -0.05
N LEU A 62 5.22 -1.14 -0.96
CA LEU A 62 4.18 -1.58 -1.88
C LEU A 62 3.16 -2.48 -1.19
N GLN A 63 3.34 -2.75 0.09
CA GLN A 63 2.38 -3.53 0.87
C GLN A 63 1.55 -2.55 1.69
N PRO A 64 0.31 -2.26 1.29
CA PRO A 64 -0.37 -1.03 1.78
C PRO A 64 -0.68 -1.01 3.26
N HIS A 65 -1.20 -2.12 3.80
CA HIS A 65 -1.77 -2.10 5.14
C HIS A 65 -0.68 -1.97 6.21
N VAL A 66 0.38 -2.78 6.10
CA VAL A 66 1.45 -2.71 7.09
C VAL A 66 2.22 -1.40 6.94
N TRP A 67 2.37 -0.89 5.71
CA TRP A 67 3.04 0.40 5.54
C TRP A 67 2.24 1.53 6.18
N ALA A 68 0.91 1.50 6.04
CA ALA A 68 0.08 2.49 6.70
C ALA A 68 0.21 2.40 8.22
N GLU A 69 0.26 1.19 8.75
CA GLU A 69 0.51 1.06 10.19
C GLU A 69 1.86 1.64 10.58
N MET A 70 2.90 1.36 9.79
CA MET A 70 4.23 1.89 10.09
C MET A 70 4.22 3.41 10.09
N GLN A 71 3.45 4.03 9.19
CA GLN A 71 3.32 5.48 9.23
C GLN A 71 2.61 5.92 10.50
N ARG A 72 1.53 5.22 10.85
CA ARG A 72 0.77 5.59 12.05
C ARG A 72 1.67 5.58 13.29
N TYR A 73 2.52 4.57 13.42
CA TYR A 73 3.35 4.44 14.62
C TYR A 73 4.79 4.91 14.42
N GLY A 74 5.09 5.53 13.28
CA GLY A 74 6.39 6.17 13.13
C GLY A 74 7.56 5.23 13.03
N LEU A 75 7.41 4.12 12.33
CA LEU A 75 8.44 3.09 12.21
C LEU A 75 9.05 3.13 10.82
N GLY A 76 10.38 3.17 10.76
CA GLY A 76 11.11 3.11 9.51
C GLY A 76 11.43 1.69 9.10
N VAL A 77 12.40 1.57 8.20
CA VAL A 77 12.84 0.27 7.70
C VAL A 77 14.27 0.04 8.14
N VAL A 78 14.64 -1.24 8.12
CA VAL A 78 16.00 -1.70 8.41
C VAL A 78 16.42 -2.55 7.23
N GLU A 79 17.50 -2.16 6.55
CA GLU A 79 17.90 -2.83 5.33
C GLU A 79 18.81 -4.01 5.64
N ASP A 80 18.43 -5.18 5.13
CA ASP A 80 19.30 -6.35 5.06
C ASP A 80 19.94 -6.32 3.69
N PRO A 81 21.11 -5.69 3.51
CA PRO A 81 21.59 -5.37 2.16
C PRO A 81 22.11 -6.58 1.38
N LEU A 82 22.99 -7.36 1.99
CA LEU A 82 23.53 -8.58 1.37
C LEU A 82 24.61 -8.28 0.33
N THR A 83 24.43 -7.21 -0.44
CA THR A 83 25.44 -6.78 -1.41
C THR A 83 25.88 -7.98 -2.26
N ASN A 84 27.09 -7.90 -2.81
CA ASN A 84 27.59 -8.94 -3.71
C ASN A 84 27.71 -10.29 -3.01
N LEU A 85 27.55 -11.35 -3.79
CA LEU A 85 27.66 -12.73 -3.34
C LEU A 85 28.99 -13.33 -3.78
N ASP A 86 29.61 -14.12 -2.90
CA ASP A 86 30.85 -14.80 -3.25
C ASP A 86 30.63 -16.17 -3.88
N LYS A 87 29.46 -16.77 -3.69
CA LYS A 87 29.23 -18.13 -4.16
C LYS A 87 27.73 -18.36 -4.30
N THR A 88 27.30 -18.73 -5.50
CA THR A 88 25.91 -19.10 -5.77
C THR A 88 25.86 -20.56 -6.19
N LEU A 89 24.99 -21.33 -5.55
CA LEU A 89 24.91 -22.77 -5.78
C LEU A 89 23.50 -23.19 -6.12
N ILE A 90 23.40 -24.23 -6.94
CA ILE A 90 22.15 -24.92 -7.21
C ILE A 90 22.38 -26.40 -6.94
N MET A 91 21.48 -27.01 -6.16
CA MET A 91 21.49 -28.45 -5.94
C MET A 91 20.26 -29.03 -6.60
N TYR A 92 20.49 -29.90 -7.58
CA TYR A 92 19.41 -30.53 -8.31
C TYR A 92 18.79 -31.63 -7.46
N ASN A 93 17.63 -32.13 -7.91
CA ASN A 93 16.95 -33.19 -7.18
C ASN A 93 17.86 -34.39 -6.95
N ASP A 94 18.73 -34.69 -7.89
CA ASP A 94 19.57 -35.87 -7.80
C ASP A 94 20.75 -35.70 -6.84
N GLY A 95 20.84 -34.56 -6.16
CA GLY A 95 21.89 -34.34 -5.20
C GLY A 95 23.15 -33.70 -5.74
N SER A 96 23.26 -33.56 -7.05
CA SER A 96 24.43 -32.89 -7.62
C SER A 96 24.39 -31.41 -7.31
N VAL A 97 25.56 -30.84 -7.02
CA VAL A 97 25.70 -29.44 -6.66
C VAL A 97 26.53 -28.76 -7.75
N GLU A 98 26.02 -27.64 -8.26
CA GLU A 98 26.66 -26.89 -9.32
C GLU A 98 26.89 -25.46 -8.86
N SER A 99 28.12 -24.99 -8.99
CA SER A 99 28.48 -23.63 -8.66
C SER A 99 28.34 -22.76 -9.91
N ILE A 100 27.61 -21.66 -9.77
CA ILE A 100 27.31 -20.78 -10.89
C ILE A 100 27.77 -19.37 -10.53
N SER A 101 28.14 -18.62 -11.56
CA SER A 101 28.43 -17.20 -11.36
C SER A 101 27.18 -16.49 -10.83
N PRO A 102 27.29 -15.70 -9.76
CA PRO A 102 26.11 -14.96 -9.29
C PRO A 102 25.37 -14.24 -10.39
N ASP A 103 26.11 -13.64 -11.33
CA ASP A 103 25.49 -12.92 -12.43
C ASP A 103 24.63 -13.83 -13.29
N GLU A 104 25.19 -14.98 -13.72
CA GLU A 104 24.42 -15.92 -14.52
C GLU A 104 23.24 -16.48 -13.73
N PHE A 105 23.45 -16.73 -12.44
CA PHE A 105 22.37 -17.21 -11.58
C PHE A 105 21.21 -16.23 -11.59
N GLY A 106 21.50 -14.94 -11.37
CA GLY A 106 20.45 -13.94 -11.36
C GLY A 106 19.75 -13.82 -12.70
N LYS A 107 20.53 -13.83 -13.79
CA LYS A 107 19.94 -13.77 -15.12
C LYS A 107 18.96 -14.92 -15.35
N ASN A 108 19.33 -16.13 -14.93
CA ASN A 108 18.48 -17.29 -15.22
C ASN A 108 17.23 -17.28 -14.36
N ILE A 109 17.35 -16.92 -13.08
CA ILE A 109 16.16 -16.84 -12.25
C ILE A 109 15.22 -15.77 -12.78
N ARG A 110 15.77 -14.66 -13.29
CA ARG A 110 14.89 -13.62 -13.84
C ARG A 110 14.17 -14.11 -15.08
N ILE A 111 14.89 -14.77 -16.00
CA ILE A 111 14.25 -15.30 -17.20
C ILE A 111 13.10 -16.23 -16.79
N ALA A 112 13.38 -17.16 -15.87
CA ALA A 112 12.36 -18.14 -15.49
C ALA A 112 11.17 -17.48 -14.80
N PHE A 113 11.42 -16.55 -13.88
CA PHE A 113 10.32 -15.92 -13.15
C PHE A 113 9.45 -15.09 -14.09
N GLU A 114 10.07 -14.30 -14.97
CA GLU A 114 9.27 -13.48 -15.86
C GLU A 114 8.52 -14.33 -16.88
N LYS A 115 9.06 -15.50 -17.25
CA LYS A 115 8.28 -16.40 -18.10
C LYS A 115 7.10 -17.00 -17.34
N LEU A 116 7.30 -17.34 -16.07
CA LEU A 116 6.23 -17.91 -15.28
C LEU A 116 5.06 -16.94 -15.12
N CYS A 117 5.35 -15.65 -14.91
CA CYS A 117 4.33 -14.66 -14.59
C CYS A 117 4.01 -13.73 -15.76
N HIS A 118 4.20 -14.22 -17.00
CA HIS A 118 4.07 -13.36 -18.18
C HIS A 118 2.68 -12.74 -18.28
N ASP A 119 1.65 -13.41 -17.77
CA ASP A 119 0.26 -12.97 -17.94
C ASP A 119 -0.34 -12.42 -16.64
N ALA A 120 0.50 -11.93 -15.72
CA ALA A 120 -0.02 -11.43 -14.46
C ALA A 120 -1.01 -10.28 -14.64
N TRP A 121 -0.74 -9.38 -15.58
CA TRP A 121 -1.66 -8.26 -15.77
C TRP A 121 -3.01 -8.73 -16.31
N GLU A 122 -3.00 -9.62 -17.30
CA GLU A 122 -4.26 -10.05 -17.91
C GLU A 122 -5.11 -10.84 -16.92
N VAL A 123 -4.47 -11.63 -16.06
CA VAL A 123 -5.22 -12.51 -15.16
C VAL A 123 -5.65 -11.75 -13.91
N PHE A 124 -4.81 -10.85 -13.42
CA PHE A 124 -5.04 -10.14 -12.17
C PHE A 124 -4.87 -8.63 -12.36
N PRO A 125 -5.74 -8.00 -13.14
CA PRO A 125 -5.73 -6.53 -13.19
C PRO A 125 -6.08 -5.90 -11.86
N ARG A 126 -6.72 -6.64 -10.97
CA ARG A 126 -7.07 -6.19 -9.62
C ARG A 126 -6.60 -7.25 -8.63
N PRO A 127 -5.32 -7.23 -8.26
CA PRO A 127 -4.80 -8.30 -7.40
C PRO A 127 -5.56 -8.47 -6.10
N HIS A 128 -6.22 -7.42 -5.61
CA HIS A 128 -7.00 -7.51 -4.39
C HIS A 128 -8.44 -7.94 -4.63
N GLU A 129 -8.79 -8.28 -5.87
CA GLU A 129 -10.02 -9.01 -6.20
C GLU A 129 -9.62 -10.21 -7.03
N PRO A 130 -9.06 -11.25 -6.41
CA PRO A 130 -8.48 -12.35 -7.20
C PRO A 130 -9.45 -12.98 -8.18
N MET A 131 -10.74 -13.01 -7.88
CA MET A 131 -11.75 -13.63 -8.73
C MET A 131 -12.37 -12.64 -9.72
N PHE A 132 -11.73 -11.51 -9.99
CA PHE A 132 -12.33 -10.52 -10.89
C PHE A 132 -12.49 -11.08 -12.30
N THR A 133 -11.50 -11.81 -12.79
CA THR A 133 -11.53 -12.30 -14.17
C THR A 133 -11.88 -13.79 -14.21
N GLU A 134 -12.53 -14.19 -15.30
CA GLU A 134 -12.77 -15.61 -15.52
C GLU A 134 -11.46 -16.36 -15.71
N ARG A 135 -10.47 -15.70 -16.30
CA ARG A 135 -9.19 -16.38 -16.55
C ARG A 135 -8.58 -16.87 -15.24
N ALA A 136 -8.75 -16.12 -14.16
CA ALA A 136 -8.24 -16.56 -12.86
C ALA A 136 -8.93 -17.84 -12.41
N ARG A 137 -10.27 -17.89 -12.54
CA ARG A 137 -11.01 -19.08 -12.16
C ARG A 137 -10.57 -20.27 -13.01
N GLU A 138 -10.34 -20.03 -14.30
CA GLU A 138 -9.96 -21.13 -15.19
C GLU A 138 -8.55 -21.62 -14.87
N LEU A 139 -7.65 -20.70 -14.50
CA LEU A 139 -6.29 -21.09 -14.17
C LEU A 139 -6.19 -21.73 -12.79
N ASP A 140 -7.18 -21.52 -11.92
CA ASP A 140 -7.18 -22.21 -10.64
C ASP A 140 -7.40 -23.72 -10.75
N LYS A 141 -7.53 -24.27 -11.96
CA LYS A 141 -7.48 -25.71 -12.17
C LYS A 141 -6.06 -26.20 -12.45
N SER A 142 -5.08 -25.32 -12.53
CA SER A 142 -3.72 -25.66 -12.89
C SER A 142 -2.80 -25.49 -11.70
N SER A 143 -1.74 -26.31 -11.67
CA SER A 143 -0.69 -26.18 -10.68
C SER A 143 0.45 -25.33 -11.22
N VAL A 144 1.35 -24.93 -10.32
CA VAL A 144 2.55 -24.23 -10.75
C VAL A 144 3.37 -25.12 -11.68
N LEU A 145 3.43 -26.42 -11.40
CA LEU A 145 4.17 -27.33 -12.25
C LEU A 145 3.53 -27.43 -13.63
N ASP A 146 2.20 -27.42 -13.69
CA ASP A 146 1.52 -27.46 -14.98
C ASP A 146 2.03 -26.36 -15.88
N ARG A 147 2.22 -25.16 -15.34
CA ARG A 147 2.74 -24.06 -16.15
C ARG A 147 4.23 -24.23 -16.41
N ILE A 148 5.01 -24.55 -15.39
CA ILE A 148 6.46 -24.69 -15.57
C ILE A 148 6.75 -25.62 -16.74
N LYS A 149 5.93 -26.66 -16.89
CA LYS A 149 6.17 -27.64 -17.96
C LYS A 149 5.99 -27.05 -19.35
N THR A 150 5.27 -25.93 -19.50
CA THR A 150 5.02 -25.33 -20.80
C THR A 150 6.03 -24.23 -21.16
N LEU A 151 6.93 -23.86 -20.26
CA LEU A 151 7.72 -22.64 -20.40
C LEU A 151 8.96 -22.82 -21.26
N GLY A 152 9.33 -24.04 -21.61
CA GLY A 152 10.54 -24.25 -22.40
C GLY A 152 11.79 -23.68 -21.76
N LEU A 153 11.91 -23.82 -20.45
CA LEU A 153 13.09 -23.36 -19.73
C LEU A 153 14.26 -24.31 -19.94
N SER A 154 15.46 -23.80 -19.68
CA SER A 154 16.63 -24.67 -19.60
C SER A 154 16.58 -25.48 -18.31
N ARG A 155 17.45 -26.50 -18.23
CA ARG A 155 17.49 -27.32 -17.03
C ARG A 155 17.80 -26.48 -15.80
N LEU A 156 18.81 -25.62 -15.90
CA LEU A 156 19.19 -24.77 -14.77
C LEU A 156 18.02 -23.89 -14.36
N GLN A 157 17.40 -23.20 -15.32
CA GLN A 157 16.29 -22.31 -15.01
C GLN A 157 15.14 -23.07 -14.38
N GLN A 158 14.81 -24.24 -14.93
CA GLN A 158 13.72 -25.03 -14.38
C GLN A 158 14.02 -25.42 -12.94
N ALA A 159 15.23 -25.89 -12.66
CA ALA A 159 15.56 -26.27 -11.29
C ALA A 159 15.47 -25.07 -10.36
N GLN A 160 15.99 -23.92 -10.79
CA GLN A 160 15.93 -22.71 -9.96
C GLN A 160 14.49 -22.35 -9.62
N ILE A 161 13.64 -22.24 -10.65
CA ILE A 161 12.28 -21.76 -10.42
C ILE A 161 11.46 -22.80 -9.66
N ASN A 162 11.73 -24.09 -9.88
CA ASN A 162 11.01 -25.10 -9.12
C ASN A 162 11.41 -25.06 -7.65
N SER A 163 12.70 -24.90 -7.35
CA SER A 163 13.11 -24.69 -5.96
C SER A 163 12.39 -23.49 -5.36
N TYR A 164 12.33 -22.38 -6.10
CA TYR A 164 11.70 -21.18 -5.59
C TYR A 164 10.21 -21.40 -5.31
N MET A 165 9.52 -22.09 -6.23
CA MET A 165 8.08 -22.30 -6.06
C MET A 165 7.80 -23.34 -4.99
N ALA A 166 8.70 -24.31 -4.80
CA ALA A 166 8.53 -25.23 -3.68
C ALA A 166 8.74 -24.51 -2.35
N LEU A 167 9.64 -23.53 -2.32
CA LEU A 167 9.76 -22.69 -1.13
C LEU A 167 8.46 -21.93 -0.89
N TYR A 168 7.92 -21.30 -1.93
CA TYR A 168 6.69 -20.54 -1.76
C TYR A 168 5.53 -21.44 -1.35
N ALA A 169 5.56 -22.70 -1.75
CA ALA A 169 4.49 -23.64 -1.42
C ALA A 169 4.71 -24.33 -0.08
N GLY A 170 5.96 -24.46 0.36
CA GLY A 170 6.22 -25.35 1.48
C GLY A 170 5.87 -26.77 1.14
N GLU A 171 5.96 -27.14 -0.14
CA GLU A 171 5.43 -28.40 -0.64
C GLU A 171 5.98 -28.60 -2.04
N THR A 172 5.80 -29.81 -2.56
CA THR A 172 6.17 -30.07 -3.95
C THR A 172 5.28 -29.26 -4.89
N THR A 173 5.85 -28.82 -6.00
CA THR A 173 5.18 -27.86 -6.87
C THR A 173 4.01 -28.48 -7.65
N ASP A 174 3.90 -29.81 -7.67
CA ASP A 174 2.75 -30.43 -8.33
C ASP A 174 1.44 -30.16 -7.58
N LYS A 175 1.52 -29.73 -6.33
CA LYS A 175 0.33 -29.44 -5.53
C LYS A 175 0.04 -27.96 -5.41
N PHE A 176 0.92 -27.10 -5.92
CA PHE A 176 0.87 -25.67 -5.61
C PHE A 176 -0.08 -24.97 -6.57
N GLY A 177 -1.07 -24.27 -6.01
CA GLY A 177 -1.98 -23.47 -6.81
C GLY A 177 -1.25 -22.43 -7.62
N LEU A 178 -1.51 -22.40 -8.93
CA LEU A 178 -0.81 -21.44 -9.78
C LEU A 178 -1.28 -20.01 -9.56
N PRO A 179 -2.59 -19.73 -9.49
CA PRO A 179 -3.02 -18.31 -9.47
C PRO A 179 -2.48 -17.50 -8.30
N GLY A 180 -2.28 -18.11 -7.13
CA GLY A 180 -1.77 -17.34 -6.00
C GLY A 180 -0.40 -16.73 -6.27
N VAL A 181 0.44 -17.44 -7.01
CA VAL A 181 1.76 -16.90 -7.35
C VAL A 181 1.63 -15.69 -8.26
N LEU A 182 0.86 -15.85 -9.35
CA LEU A 182 0.60 -14.73 -10.25
C LEU A 182 0.03 -13.54 -9.50
N LYS A 183 -0.86 -13.80 -8.56
CA LYS A 183 -1.52 -12.71 -7.85
C LYS A 183 -0.54 -11.96 -6.97
N LEU A 184 0.36 -12.69 -6.30
CA LEU A 184 1.40 -12.02 -5.52
C LEU A 184 2.29 -11.18 -6.43
N PHE A 185 2.72 -11.76 -7.56
CA PHE A 185 3.51 -11.01 -8.53
C PHE A 185 2.79 -9.72 -8.94
N ALA A 186 1.48 -9.80 -9.18
CA ALA A 186 0.71 -8.61 -9.58
C ALA A 186 0.63 -7.59 -8.44
N CYS A 187 0.50 -8.05 -7.20
CA CYS A 187 0.51 -7.15 -6.05
C CYS A 187 1.78 -6.30 -6.04
N GLY A 188 2.88 -6.83 -6.57
CA GLY A 188 4.12 -6.09 -6.61
C GLY A 188 4.26 -5.21 -7.84
N GLY A 189 3.14 -4.71 -8.36
CA GLY A 189 3.19 -3.85 -9.54
C GLY A 189 3.40 -4.57 -10.85
N TRP A 190 3.14 -5.88 -10.92
CA TRP A 190 3.26 -6.62 -12.17
C TRP A 190 4.67 -6.49 -12.76
N ASN A 191 5.69 -6.42 -11.90
CA ASN A 191 7.03 -6.14 -12.38
C ASN A 191 8.05 -6.88 -11.52
N TYR A 192 9.05 -7.46 -12.19
CA TYR A 192 9.98 -8.35 -11.52
C TYR A 192 10.82 -7.62 -10.49
N ASP A 193 11.39 -6.47 -10.86
CA ASP A 193 12.27 -5.75 -9.96
C ASP A 193 11.53 -5.26 -8.71
N ALA A 194 10.35 -4.67 -8.91
CA ALA A 194 9.58 -4.18 -7.77
C ALA A 194 9.17 -5.32 -6.85
N PHE A 195 8.68 -6.43 -7.41
CA PHE A 195 8.28 -7.56 -6.57
C PHE A 195 9.48 -8.14 -5.82
N MET A 196 10.59 -8.34 -6.52
CA MET A 196 11.78 -8.90 -5.88
C MET A 196 12.29 -7.99 -4.77
N ASP A 197 12.07 -6.67 -4.90
CA ASP A 197 12.48 -5.76 -3.83
C ASP A 197 11.73 -6.00 -2.53
N THR A 198 10.55 -6.62 -2.58
CA THR A 198 9.75 -6.88 -1.39
C THR A 198 10.17 -8.14 -0.63
N GLU A 199 11.10 -8.93 -1.15
CA GLU A 199 11.19 -10.32 -0.71
C GLU A 199 11.91 -10.44 0.64
N THR A 200 13.17 -10.02 0.70
CA THR A 200 13.98 -10.21 1.90
C THR A 200 14.89 -9.00 2.09
N HIS A 201 14.35 -7.80 1.90
CA HIS A 201 15.13 -6.59 1.81
C HIS A 201 14.98 -5.70 3.03
N TYR A 202 13.76 -5.46 3.50
CA TYR A 202 13.51 -4.50 4.56
C TYR A 202 12.77 -5.17 5.71
N ARG A 203 13.25 -4.96 6.93
CA ARG A 203 12.56 -5.35 8.14
C ARG A 203 12.05 -4.10 8.83
N ILE A 204 11.24 -4.28 9.88
CA ILE A 204 10.59 -3.15 10.55
C ILE A 204 11.50 -2.62 11.64
N GLN A 205 11.63 -1.30 11.71
CA GLN A 205 12.37 -0.66 12.80
C GLN A 205 11.70 -0.98 14.13
N GLY A 206 12.50 -1.46 15.08
CA GLY A 206 11.98 -1.90 16.36
C GLY A 206 11.34 -3.27 16.34
N GLY A 207 11.17 -3.87 15.17
CA GLY A 207 10.79 -5.26 15.07
C GLY A 207 9.29 -5.48 14.92
N THR A 208 8.96 -6.66 14.38
CA THR A 208 7.56 -7.10 14.31
C THR A 208 6.89 -7.02 15.67
N ILE A 209 7.58 -7.52 16.71
CA ILE A 209 6.99 -7.50 18.04
C ILE A 209 6.83 -6.06 18.53
N GLY A 210 7.71 -5.15 18.09
CA GLY A 210 7.52 -3.75 18.40
C GLY A 210 6.23 -3.21 17.84
N LEU A 211 5.95 -3.51 16.57
CA LEU A 211 4.71 -3.03 15.97
C LEU A 211 3.49 -3.68 16.62
N ILE A 212 3.58 -4.98 16.92
CA ILE A 212 2.48 -5.67 17.58
C ILE A 212 2.19 -5.04 18.94
N ASN A 213 3.24 -4.79 19.72
CA ASN A 213 3.06 -4.20 21.03
C ASN A 213 2.50 -2.78 20.92
N ALA A 214 2.94 -2.02 19.93
CA ALA A 214 2.39 -0.69 19.73
C ALA A 214 0.89 -0.77 19.50
N MET A 215 0.47 -1.67 18.59
CA MET A 215 -0.96 -1.80 18.31
C MET A 215 -1.73 -2.22 19.55
N LEU A 216 -1.20 -3.19 20.30
CA LEU A 216 -1.96 -3.69 21.45
C LEU A 216 -2.02 -2.65 22.57
N THR A 217 -0.95 -1.89 22.76
CA THR A 217 -0.97 -0.80 23.74
C THR A 217 -1.96 0.28 23.33
N ASP A 218 -1.94 0.66 22.05
CA ASP A 218 -2.91 1.62 21.54
C ASP A 218 -4.33 1.12 21.76
N SER A 219 -4.55 -0.20 21.67
CA SER A 219 -5.90 -0.74 21.70
C SER A 219 -6.54 -0.64 23.08
N GLY A 220 -5.75 -0.69 24.15
CA GLY A 220 -6.32 -0.76 25.47
C GLY A 220 -6.93 -2.11 25.83
N ALA A 221 -6.82 -3.10 24.97
CA ALA A 221 -7.44 -4.39 25.22
C ALA A 221 -6.75 -5.13 26.36
N GLU A 222 -7.52 -5.96 27.05
CA GLU A 222 -6.94 -6.94 27.96
C GLU A 222 -6.30 -8.06 27.16
N VAL A 223 -5.11 -8.48 27.57
CA VAL A 223 -4.33 -9.47 26.82
C VAL A 223 -3.95 -10.60 27.77
N ARG A 224 -4.46 -11.79 27.52
CA ARG A 224 -4.17 -12.97 28.32
C ARG A 224 -3.38 -13.96 27.47
N MET A 225 -2.29 -14.47 28.04
CA MET A 225 -1.36 -15.35 27.34
C MET A 225 -1.47 -16.77 27.89
N SER A 226 -0.98 -17.72 27.10
CA SER A 226 -1.04 -19.14 27.46
C SER A 226 -2.47 -19.59 27.72
N VAL A 227 -3.43 -19.02 26.99
CA VAL A 227 -4.85 -19.37 27.13
C VAL A 227 -5.34 -19.87 25.78
N PRO A 228 -5.14 -21.14 25.44
CA PRO A 228 -5.66 -21.66 24.17
C PRO A 228 -7.17 -21.85 24.22
N VAL A 229 -7.83 -21.48 23.14
CA VAL A 229 -9.27 -21.66 23.00
C VAL A 229 -9.53 -23.03 22.40
N THR A 230 -10.49 -23.76 22.98
CA THR A 230 -10.82 -25.10 22.54
C THR A 230 -12.22 -25.22 21.94
N ALA A 231 -13.12 -24.28 22.20
CA ALA A 231 -14.46 -24.37 21.64
C ALA A 231 -15.12 -23.00 21.61
N VAL A 232 -16.08 -22.86 20.69
CA VAL A 232 -16.90 -21.67 20.54
C VAL A 232 -18.35 -22.10 20.39
N GLU A 233 -19.24 -21.42 21.11
CA GLU A 233 -20.67 -21.67 21.06
C GLU A 233 -21.41 -20.37 20.81
N GLN A 234 -22.33 -20.38 19.85
CA GLN A 234 -23.17 -19.22 19.58
C GLN A 234 -24.51 -19.40 20.30
N VAL A 235 -24.83 -18.49 21.22
CA VAL A 235 -26.02 -18.61 22.05
C VAL A 235 -26.37 -17.26 22.63
N ASN A 236 -27.66 -17.06 22.92
CA ASN A 236 -28.16 -15.87 23.62
C ASN A 236 -27.73 -14.59 22.93
N GLY A 237 -27.74 -14.60 21.59
CA GLY A 237 -27.29 -13.43 20.86
C GLY A 237 -25.84 -13.10 21.12
N GLY A 238 -25.02 -14.12 21.36
CA GLY A 238 -23.63 -13.90 21.66
C GLY A 238 -22.86 -15.20 21.48
N VAL A 239 -21.74 -15.29 22.17
CA VAL A 239 -20.88 -16.46 22.08
C VAL A 239 -20.30 -16.80 23.44
N LYS A 240 -20.12 -18.10 23.67
CA LYS A 240 -19.39 -18.66 24.79
C LYS A 240 -18.08 -19.24 24.28
N ILE A 241 -16.98 -18.91 24.95
CA ILE A 241 -15.63 -19.34 24.56
C ILE A 241 -15.05 -20.15 25.70
N LYS A 242 -14.68 -21.39 25.43
CA LYS A 242 -14.05 -22.26 26.41
C LYS A 242 -12.55 -22.33 26.15
N THR A 243 -11.77 -22.26 27.23
CA THR A 243 -10.33 -22.42 27.15
C THR A 243 -9.96 -23.86 27.55
N ASP A 244 -8.66 -24.16 27.53
CA ASP A 244 -8.20 -25.49 27.90
C ASP A 244 -8.23 -25.71 29.41
N ASP A 245 -8.41 -24.65 30.19
CA ASP A 245 -8.61 -24.75 31.63
C ASP A 245 -10.09 -24.75 31.99
N ASP A 246 -10.95 -25.16 31.05
CA ASP A 246 -12.39 -25.30 31.25
C ASP A 246 -13.06 -23.99 31.63
N GLU A 247 -12.39 -22.87 31.43
CA GLU A 247 -12.95 -21.56 31.75
C GLU A 247 -13.87 -21.12 30.63
N ILE A 248 -14.89 -20.32 30.98
CA ILE A 248 -15.87 -19.82 30.03
C ILE A 248 -15.84 -18.30 30.04
N ILE A 249 -15.76 -17.71 28.84
CA ILE A 249 -15.80 -16.26 28.65
C ILE A 249 -16.88 -15.98 27.62
N THR A 250 -17.82 -15.10 27.96
CA THR A 250 -18.88 -14.75 27.02
C THR A 250 -18.61 -13.40 26.38
N ALA A 251 -19.13 -13.23 25.17
CA ALA A 251 -18.91 -11.97 24.46
C ALA A 251 -19.96 -11.82 23.37
N GLY A 252 -20.14 -10.57 22.94
CA GLY A 252 -21.07 -10.31 21.84
C GLY A 252 -20.57 -10.85 20.52
N VAL A 253 -19.25 -10.83 20.30
N VAL A 253 -19.26 -10.84 20.30
CA VAL A 253 -18.66 -11.27 19.04
CA VAL A 253 -18.69 -11.30 19.05
C VAL A 253 -17.28 -11.84 19.33
C VAL A 253 -17.27 -11.83 19.32
N VAL A 254 -16.84 -12.76 18.48
CA VAL A 254 -15.51 -13.35 18.57
C VAL A 254 -14.88 -13.30 17.19
N VAL A 255 -13.59 -12.95 17.14
CA VAL A 255 -12.81 -12.88 15.92
C VAL A 255 -11.75 -13.98 15.98
N MET A 256 -11.86 -14.96 15.08
CA MET A 256 -10.88 -16.03 14.97
C MET A 256 -9.78 -15.61 14.01
N THR A 257 -8.53 -15.63 14.49
CA THR A 257 -7.38 -15.34 13.65
C THR A 257 -6.35 -16.46 13.68
N VAL A 258 -6.69 -17.61 14.28
CA VAL A 258 -5.77 -18.74 14.37
C VAL A 258 -5.48 -19.24 12.96
N PRO A 259 -4.31 -19.83 12.72
CA PRO A 259 -4.03 -20.34 11.37
C PRO A 259 -5.00 -21.43 10.97
N LEU A 260 -5.32 -21.47 9.68
CA LEU A 260 -6.27 -22.45 9.17
C LEU A 260 -5.96 -23.84 9.68
N ASN A 261 -4.69 -24.26 9.60
CA ASN A 261 -4.30 -25.63 9.90
C ASN A 261 -4.56 -26.02 11.35
N THR A 262 -4.93 -25.07 12.22
CA THR A 262 -5.19 -25.39 13.63
C THR A 262 -6.67 -25.45 13.96
N TYR A 263 -7.56 -25.12 13.01
CA TYR A 263 -8.98 -25.12 13.32
C TYR A 263 -9.47 -26.50 13.75
N LYS A 264 -8.82 -27.57 13.29
CA LYS A 264 -9.23 -28.90 13.68
C LYS A 264 -9.28 -29.07 15.19
N HIS A 265 -8.50 -28.26 15.92
CA HIS A 265 -8.38 -28.42 17.37
C HIS A 265 -9.46 -27.65 18.13
N ILE A 266 -10.52 -27.20 17.47
CA ILE A 266 -11.50 -26.31 18.07
C ILE A 266 -12.90 -26.80 17.70
N GLY A 267 -13.76 -26.97 18.70
CA GLY A 267 -15.14 -27.35 18.45
C GLY A 267 -16.01 -26.13 18.27
N PHE A 268 -16.93 -26.20 17.31
CA PHE A 268 -17.83 -25.11 16.99
C PHE A 268 -19.27 -25.60 17.05
N THR A 269 -20.11 -24.92 17.82
CA THR A 269 -21.53 -25.26 17.83
C THR A 269 -22.30 -23.95 17.73
N PRO A 270 -23.21 -23.80 16.75
CA PRO A 270 -23.46 -24.75 15.66
C PRO A 270 -22.24 -25.02 14.81
N ALA A 271 -22.27 -26.12 14.07
CA ALA A 271 -21.17 -26.44 13.18
C ALA A 271 -21.00 -25.33 12.15
N LEU A 272 -19.78 -25.20 11.65
CA LEU A 272 -19.52 -24.17 10.66
C LEU A 272 -20.06 -24.62 9.30
N SER A 273 -20.27 -23.64 8.42
CA SER A 273 -20.81 -23.93 7.08
C SER A 273 -19.99 -25.00 6.39
N LYS A 274 -20.60 -25.68 5.42
CA LYS A 274 -19.92 -26.78 4.73
C LYS A 274 -18.65 -26.29 4.03
N GLY A 275 -18.70 -25.11 3.41
CA GLY A 275 -17.51 -24.59 2.73
C GLY A 275 -16.34 -24.39 3.68
N LYS A 276 -16.61 -23.79 4.84
CA LYS A 276 -15.56 -23.60 5.83
C LYS A 276 -15.01 -24.93 6.31
N GLN A 277 -15.88 -25.95 6.47
CA GLN A 277 -15.38 -27.24 6.90
C GLN A 277 -14.51 -27.90 5.83
N ARG A 278 -14.85 -27.69 4.55
CA ARG A 278 -14.00 -28.18 3.48
C ARG A 278 -12.61 -27.55 3.57
N PHE A 279 -12.56 -26.23 3.79
CA PHE A 279 -11.27 -25.57 3.97
C PHE A 279 -10.54 -26.12 5.19
N ILE A 280 -11.25 -26.28 6.31
CA ILE A 280 -10.63 -26.72 7.55
C ILE A 280 -10.04 -28.11 7.40
N LYS A 281 -10.72 -28.99 6.66
CA LYS A 281 -10.19 -30.33 6.43
C LYS A 281 -9.02 -30.29 5.46
N GLU A 282 -9.11 -29.45 4.43
CA GLU A 282 -8.02 -29.34 3.47
C GLU A 282 -6.76 -28.81 4.13
N GLY A 283 -6.88 -27.70 4.86
CA GLY A 283 -5.72 -27.00 5.33
C GLY A 283 -5.06 -26.20 4.23
N GLN A 284 -3.91 -25.64 4.56
CA GLN A 284 -3.05 -25.00 3.57
C GLN A 284 -1.74 -25.78 3.49
N LEU A 285 -1.03 -25.58 2.37
CA LEU A 285 -0.04 -26.58 1.94
C LEU A 285 1.21 -26.60 2.81
N SER A 286 1.66 -25.43 3.28
CA SER A 286 3.07 -25.25 3.64
C SER A 286 3.45 -26.15 4.82
N LYS A 287 4.60 -26.83 4.69
CA LYS A 287 5.15 -27.71 5.71
C LYS A 287 6.59 -27.32 6.02
N GLY A 288 6.87 -26.02 6.05
CA GLY A 288 8.24 -25.56 6.13
C GLY A 288 8.80 -25.49 7.54
N ALA A 289 10.13 -25.34 7.61
CA ALA A 289 10.83 -25.15 8.87
C ALA A 289 11.99 -24.17 8.63
N LYS A 290 12.48 -23.58 9.73
CA LYS A 290 13.59 -22.64 9.65
C LYS A 290 14.75 -23.16 10.50
N LEU A 291 15.97 -22.98 9.99
CA LEU A 291 17.16 -23.55 10.62
C LEU A 291 18.33 -22.60 10.47
N TYR A 292 19.01 -22.32 11.57
CA TYR A 292 20.26 -21.56 11.56
C TYR A 292 21.39 -22.50 11.94
N VAL A 293 22.47 -22.45 11.18
CA VAL A 293 23.61 -23.35 11.37
C VAL A 293 24.87 -22.51 11.56
N HIS A 294 25.54 -22.70 12.69
CA HIS A 294 26.80 -22.03 13.01
C HIS A 294 27.92 -22.99 12.68
N VAL A 295 28.73 -22.63 11.67
CA VAL A 295 29.86 -23.42 11.22
C VAL A 295 31.14 -22.65 11.50
N LYS A 296 32.22 -23.40 11.73
CA LYS A 296 33.48 -22.82 12.16
C LYS A 296 34.16 -22.03 11.05
N GLN A 297 34.08 -22.51 9.81
CA GLN A 297 34.75 -21.83 8.71
C GLN A 297 34.05 -20.52 8.36
N ASN A 298 34.80 -19.60 7.79
CA ASN A 298 34.26 -18.35 7.27
C ASN A 298 34.02 -18.56 5.78
N LEU A 299 32.78 -18.89 5.43
CA LEU A 299 32.44 -19.14 4.03
C LEU A 299 32.17 -17.88 3.25
N GLY A 300 32.12 -16.72 3.90
CA GLY A 300 31.79 -15.50 3.21
C GLY A 300 30.30 -15.40 2.89
N ARG A 301 29.99 -14.74 1.78
CA ARG A 301 28.61 -14.45 1.39
C ARG A 301 28.17 -15.48 0.35
N VAL A 302 27.33 -16.43 0.78
CA VAL A 302 26.90 -17.53 -0.06
C VAL A 302 25.38 -17.54 -0.16
N PHE A 303 24.90 -18.11 -1.26
CA PHE A 303 23.49 -18.30 -1.53
C PHE A 303 23.32 -19.60 -2.31
N ALA A 304 22.33 -20.41 -1.93
CA ALA A 304 22.07 -21.67 -2.62
C ALA A 304 20.58 -21.96 -2.68
N PHE A 305 20.15 -22.48 -3.82
CA PHE A 305 18.83 -23.09 -3.98
C PHE A 305 19.00 -24.61 -4.05
N ALA A 306 18.06 -25.33 -3.47
CA ALA A 306 17.96 -26.77 -3.64
C ALA A 306 16.54 -27.13 -4.06
N ASP A 307 16.41 -28.00 -5.06
CA ASP A 307 15.10 -28.36 -5.57
C ASP A 307 14.36 -29.20 -4.52
N GLU A 308 13.10 -29.53 -4.84
CA GLU A 308 12.14 -29.94 -3.84
C GLU A 308 12.44 -31.30 -3.22
N GLN A 309 13.19 -32.17 -3.90
CA GLN A 309 13.50 -33.48 -3.35
C GLN A 309 14.66 -33.46 -2.36
N GLN A 310 15.30 -32.31 -2.14
CA GLN A 310 16.40 -32.17 -1.21
C GLN A 310 15.99 -31.29 -0.04
N PRO A 311 16.72 -31.32 1.07
CA PRO A 311 16.23 -30.68 2.29
C PRO A 311 16.52 -29.18 2.42
N LEU A 312 17.70 -28.72 2.01
CA LEU A 312 18.12 -27.34 2.25
C LEU A 312 17.78 -26.47 1.05
N ASN A 313 16.51 -26.05 0.98
CA ASN A 313 15.96 -25.48 -0.23
C ASN A 313 16.38 -24.01 -0.42
N TRP A 314 16.48 -23.24 0.66
CA TRP A 314 17.00 -21.88 0.56
C TRP A 314 18.09 -21.69 1.61
N VAL A 315 19.33 -21.47 1.17
CA VAL A 315 20.46 -21.25 2.08
C VAL A 315 21.08 -19.89 1.76
N GLN A 316 21.40 -19.13 2.80
CA GLN A 316 22.05 -17.86 2.57
C GLN A 316 22.82 -17.42 3.80
N THR A 317 23.89 -16.67 3.58
CA THR A 317 24.71 -16.23 4.71
C THR A 317 23.96 -15.18 5.53
N HIS A 318 23.78 -15.46 6.83
CA HIS A 318 23.24 -14.49 7.75
C HIS A 318 24.32 -13.55 8.28
N ASP A 319 25.48 -14.11 8.65
CA ASP A 319 26.62 -13.30 9.06
C ASP A 319 27.87 -14.14 8.97
N TYR A 320 29.02 -13.48 8.86
CA TYR A 320 30.30 -14.16 8.67
C TYR A 320 31.43 -13.31 9.22
N SER A 321 32.47 -13.98 9.70
CA SER A 321 33.72 -13.35 10.11
C SER A 321 34.68 -14.47 10.47
N ASP A 322 35.97 -14.12 10.60
CA ASP A 322 36.96 -15.13 10.95
C ASP A 322 36.73 -15.67 12.35
N GLU A 323 36.41 -14.79 13.29
CA GLU A 323 36.15 -15.24 14.65
C GLU A 323 34.85 -16.04 14.74
N LEU A 324 33.79 -15.55 14.10
CA LEU A 324 32.50 -16.20 14.19
C LEU A 324 32.45 -17.48 13.34
N GLY A 325 33.09 -17.45 12.19
CA GLY A 325 32.84 -18.48 11.18
C GLY A 325 31.72 -18.03 10.24
N THR A 326 30.68 -18.84 10.14
CA THR A 326 29.52 -18.45 9.36
C THR A 326 28.25 -18.89 10.08
N ILE A 327 27.22 -18.04 10.00
CA ILE A 327 25.86 -18.44 10.33
C ILE A 327 25.11 -18.55 9.03
N LEU A 328 24.56 -19.74 8.77
CA LEU A 328 23.74 -19.97 7.60
C LEU A 328 22.27 -19.90 8.01
N SER A 329 21.49 -19.14 7.24
CA SER A 329 20.04 -19.12 7.35
C SER A 329 19.47 -20.05 6.31
N ILE A 330 18.65 -21.00 6.73
CA ILE A 330 18.16 -22.06 5.87
C ILE A 330 16.66 -22.18 6.05
N THR A 331 15.95 -22.19 4.92
CA THR A 331 14.52 -22.48 4.89
C THR A 331 14.33 -23.83 4.24
N ILE A 332 13.63 -24.71 4.96
CA ILE A 332 13.32 -26.07 4.53
C ILE A 332 11.88 -26.05 4.07
N ALA A 333 11.65 -26.47 2.82
CA ALA A 333 10.31 -26.42 2.26
C ALA A 333 9.39 -27.42 2.95
N ARG A 334 9.87 -28.64 3.18
CA ARG A 334 9.07 -29.72 3.75
C ARG A 334 9.84 -30.32 4.92
N LYS A 335 9.27 -30.22 6.12
CA LYS A 335 9.94 -30.71 7.31
C LYS A 335 10.37 -32.17 7.16
N GLU A 336 9.54 -32.99 6.50
CA GLU A 336 9.80 -34.42 6.42
C GLU A 336 11.13 -34.75 5.73
N THR A 337 11.76 -33.80 5.05
CA THR A 337 12.98 -34.10 4.34
C THR A 337 14.22 -34.11 5.22
N ILE A 338 14.12 -33.64 6.46
CA ILE A 338 15.28 -33.60 7.34
C ILE A 338 14.80 -33.41 8.77
N ASP A 339 15.49 -34.05 9.71
CA ASP A 339 15.25 -33.90 11.14
C ASP A 339 16.14 -32.78 11.66
N VAL A 340 15.58 -31.56 11.69
CA VAL A 340 16.36 -30.37 12.03
C VAL A 340 16.98 -30.47 13.42
N ASN A 341 16.44 -31.31 14.29
CA ASN A 341 16.97 -31.49 15.64
C ASN A 341 18.03 -32.57 15.72
N ASP A 342 18.44 -33.12 14.58
CA ASP A 342 19.53 -34.09 14.49
C ASP A 342 20.76 -33.37 13.96
N ARG A 343 21.78 -33.19 14.82
CA ARG A 343 22.95 -32.42 14.37
C ARG A 343 23.79 -33.22 13.39
N ASP A 344 23.77 -34.55 13.48
CA ASP A 344 24.55 -35.34 12.53
C ASP A 344 23.94 -35.30 11.14
N ALA A 345 22.62 -35.42 11.05
CA ALA A 345 21.96 -35.32 9.76
C ALA A 345 22.08 -33.92 9.17
N VAL A 346 21.84 -32.91 10.01
CA VAL A 346 22.02 -31.53 9.56
C VAL A 346 23.43 -31.32 9.04
N THR A 347 24.42 -31.86 9.76
CA THR A 347 25.81 -31.71 9.35
C THR A 347 26.08 -32.39 8.02
N ARG A 348 25.57 -33.61 7.83
CA ARG A 348 25.75 -34.30 6.56
C ARG A 348 25.15 -33.50 5.41
N GLU A 349 23.94 -32.97 5.61
CA GLU A 349 23.30 -32.22 4.53
C GLU A 349 24.04 -30.92 4.25
N VAL A 350 24.51 -30.23 5.29
CA VAL A 350 25.28 -29.01 5.08
C VAL A 350 26.57 -29.31 4.33
N GLN A 351 27.26 -30.39 4.72
CA GLN A 351 28.52 -30.73 4.07
C GLN A 351 28.32 -31.16 2.63
N LYS A 352 27.15 -31.71 2.29
CA LYS A 352 26.87 -31.96 0.88
C LYS A 352 27.00 -30.68 0.05
N MET A 353 26.65 -29.54 0.62
CA MET A 353 26.74 -28.26 -0.08
C MET A 353 28.09 -27.57 0.11
N PHE A 354 28.65 -27.64 1.31
CA PHE A 354 29.90 -26.97 1.66
C PHE A 354 30.85 -28.00 2.26
N PRO A 355 31.56 -28.74 1.42
CA PRO A 355 32.40 -29.85 1.91
C PRO A 355 33.37 -29.43 3.01
N GLY A 356 33.53 -30.32 3.99
CA GLY A 356 34.58 -30.22 4.97
C GLY A 356 34.32 -29.28 6.13
N VAL A 357 33.21 -28.55 6.12
CA VAL A 357 32.94 -27.60 7.19
C VAL A 357 32.53 -28.33 8.47
N GLU A 358 32.80 -27.68 9.60
CA GLU A 358 32.48 -28.21 10.92
C GLU A 358 31.31 -27.43 11.51
N VAL A 359 30.27 -28.14 11.90
CA VAL A 359 29.06 -27.53 12.46
C VAL A 359 29.28 -27.33 13.95
N LEU A 360 29.20 -26.08 14.39
CA LEU A 360 29.34 -25.78 15.80
C LEU A 360 28.00 -25.69 16.52
N GLY A 361 26.94 -25.31 15.82
CA GLY A 361 25.66 -25.16 16.49
C GLY A 361 24.51 -25.12 15.51
N THR A 362 23.31 -25.37 16.05
CA THR A 362 22.08 -25.29 15.26
C THR A 362 20.98 -24.71 16.12
N ALA A 363 20.04 -24.02 15.47
CA ALA A 363 18.85 -23.52 16.14
C ALA A 363 17.70 -23.55 15.13
N ALA A 364 16.62 -24.23 15.48
CA ALA A 364 15.58 -24.51 14.50
C ALA A 364 14.20 -24.22 15.09
N TYR A 365 13.28 -23.88 14.19
CA TYR A 365 11.86 -23.76 14.52
C TYR A 365 11.09 -24.57 13.48
N ASP A 366 10.41 -25.61 13.95
CA ASP A 366 9.65 -26.52 13.10
C ASP A 366 8.20 -26.06 13.15
N TRP A 367 7.83 -25.19 12.21
CA TRP A 367 6.51 -24.57 12.25
C TRP A 367 5.41 -25.61 12.06
N THR A 368 5.73 -26.77 11.50
CA THR A 368 4.74 -27.82 11.30
C THR A 368 4.51 -28.64 12.57
N ALA A 369 5.50 -28.66 13.47
CA ALA A 369 5.35 -29.39 14.72
C ALA A 369 4.73 -28.54 15.82
N ASP A 370 4.71 -27.23 15.66
CA ASP A 370 4.07 -26.37 16.65
C ASP A 370 2.57 -26.56 16.56
N PRO A 371 1.88 -26.93 17.64
CA PRO A 371 0.43 -27.16 17.54
C PRO A 371 -0.37 -25.90 17.28
N PHE A 372 0.24 -24.71 17.38
CA PHE A 372 -0.47 -23.46 17.19
C PHE A 372 -0.10 -22.78 15.89
N SER A 373 0.54 -23.51 14.97
CA SER A 373 0.68 -23.08 13.58
C SER A 373 0.44 -24.28 12.67
N LEU A 374 1.00 -25.43 13.03
CA LEU A 374 0.79 -26.68 12.30
C LEU A 374 1.01 -26.46 10.80
N GLY A 375 2.12 -25.81 10.49
CA GLY A 375 2.42 -25.38 9.14
C GLY A 375 3.06 -24.02 9.19
N ALA A 376 3.45 -23.48 8.03
CA ALA A 376 4.14 -22.19 7.99
C ALA A 376 3.29 -21.14 7.28
N TRP A 377 3.93 -20.36 6.41
CA TRP A 377 3.24 -19.32 5.65
C TRP A 377 2.09 -19.92 4.84
N ALA A 378 1.21 -19.03 4.37
CA ALA A 378 0.01 -19.44 3.65
C ALA A 378 0.36 -19.84 2.22
N ALA A 379 -0.07 -21.03 1.82
CA ALA A 379 0.17 -21.53 0.47
C ALA A 379 -1.07 -22.27 -0.01
N TYR A 380 -1.72 -21.73 -1.04
CA TYR A 380 -2.96 -22.32 -1.54
C TYR A 380 -2.67 -23.51 -2.43
N GLY A 381 -3.39 -24.60 -2.20
CA GLY A 381 -3.40 -25.72 -3.12
C GLY A 381 -4.33 -25.46 -4.28
N VAL A 382 -4.38 -26.44 -5.19
CA VAL A 382 -5.13 -26.29 -6.43
C VAL A 382 -6.61 -26.15 -6.12
N GLY A 383 -7.24 -25.12 -6.69
CA GLY A 383 -8.66 -24.90 -6.52
C GLY A 383 -9.06 -24.15 -5.27
N GLN A 384 -8.12 -23.85 -4.36
CA GLN A 384 -8.51 -23.22 -3.11
C GLN A 384 -8.82 -21.74 -3.27
N LEU A 385 -8.01 -21.03 -4.07
CA LEU A 385 -8.17 -19.58 -4.16
C LEU A 385 -9.60 -19.20 -4.57
N SER A 386 -10.16 -19.91 -5.56
CA SER A 386 -11.48 -19.54 -6.06
C SER A 386 -12.60 -19.83 -5.07
N ARG A 387 -12.33 -20.56 -3.99
CA ARG A 387 -13.31 -20.75 -2.92
C ARG A 387 -12.98 -19.91 -1.68
N LEU A 388 -12.00 -19.01 -1.78
CA LEU A 388 -11.48 -18.36 -0.58
C LEU A 388 -12.57 -17.60 0.18
N LYS A 389 -13.57 -17.08 -0.53
CA LYS A 389 -14.62 -16.33 0.16
C LYS A 389 -15.34 -17.19 1.18
N ASP A 390 -15.50 -18.49 0.89
CA ASP A 390 -16.10 -19.41 1.86
C ASP A 390 -15.40 -19.34 3.20
N LEU A 391 -14.10 -19.09 3.20
CA LEU A 391 -13.35 -18.99 4.45
C LEU A 391 -13.47 -17.60 5.05
N GLN A 392 -13.58 -16.56 4.23
CA GLN A 392 -13.65 -15.20 4.74
C GLN A 392 -15.02 -14.87 5.32
N ALA A 393 -16.05 -15.60 4.93
CA ALA A 393 -17.40 -15.21 5.27
C ALA A 393 -17.66 -15.38 6.76
N ALA A 394 -18.30 -14.38 7.35
CA ALA A 394 -18.74 -14.50 8.73
C ALA A 394 -19.69 -15.68 8.91
N GLU A 395 -19.67 -16.27 10.10
CA GLU A 395 -20.58 -17.35 10.48
C GLU A 395 -21.35 -16.88 11.70
N GLY A 396 -22.37 -16.06 11.47
CA GLY A 396 -23.15 -15.50 12.55
C GLY A 396 -22.39 -14.46 13.36
N ARG A 397 -22.13 -14.76 14.62
CA ARG A 397 -21.36 -13.88 15.49
C ARG A 397 -19.90 -14.27 15.58
N ILE A 398 -19.44 -15.18 14.72
CA ILE A 398 -18.04 -15.57 14.64
C ILE A 398 -17.47 -14.94 13.37
N LEU A 399 -16.40 -14.17 13.54
CA LEU A 399 -15.71 -13.55 12.42
C LEU A 399 -14.35 -14.20 12.25
N PHE A 400 -13.82 -14.11 11.03
CA PHE A 400 -12.64 -14.88 10.64
C PHE A 400 -11.64 -13.97 9.96
N ALA A 401 -10.39 -14.02 10.45
CA ALA A 401 -9.30 -13.22 9.93
C ALA A 401 -8.05 -14.10 9.87
N GLY A 402 -6.91 -13.49 9.61
CA GLY A 402 -5.68 -14.20 9.38
C GLY A 402 -5.22 -14.06 7.93
N ALA A 403 -3.91 -14.22 7.74
CA ALA A 403 -3.32 -13.98 6.42
C ALA A 403 -3.93 -14.91 5.38
N GLU A 404 -4.21 -16.16 5.76
CA GLU A 404 -4.87 -17.09 4.86
C GLU A 404 -6.16 -16.50 4.29
N THR A 405 -6.82 -15.64 5.04
CA THR A 405 -8.12 -15.09 4.66
C THR A 405 -8.01 -13.76 3.92
N SER A 406 -6.80 -13.26 3.68
CA SER A 406 -6.65 -11.98 3.02
C SER A 406 -6.72 -12.14 1.51
N ASN A 407 -6.96 -11.01 0.83
CA ASN A 407 -7.07 -10.99 -0.62
C ASN A 407 -5.76 -10.65 -1.31
N GLY A 408 -4.89 -9.88 -0.66
CA GLY A 408 -3.69 -9.38 -1.29
C GLY A 408 -2.45 -10.19 -0.98
N TRP A 409 -1.62 -9.68 -0.08
CA TRP A 409 -0.34 -10.31 0.27
C TRP A 409 -0.61 -11.40 1.30
N HIS A 410 -1.10 -12.54 0.82
CA HIS A 410 -1.63 -13.56 1.71
C HIS A 410 -0.55 -14.40 2.39
N ALA A 411 0.66 -14.40 1.86
CA ALA A 411 1.79 -15.09 2.49
C ALA A 411 2.64 -14.13 3.33
N ASN A 412 2.07 -13.02 3.77
CA ASN A 412 2.85 -11.93 4.33
C ASN A 412 2.18 -11.34 5.56
N ILE A 413 2.94 -10.55 6.31
CA ILE A 413 2.39 -9.77 7.41
C ILE A 413 1.27 -8.87 6.93
N ASP A 414 1.42 -8.32 5.72
CA ASP A 414 0.46 -7.35 5.22
C ASP A 414 -0.93 -7.94 5.09
N GLY A 415 -1.03 -9.19 4.59
CA GLY A 415 -2.34 -9.82 4.49
C GLY A 415 -3.00 -10.01 5.85
N ALA A 416 -2.21 -10.37 6.86
CA ALA A 416 -2.75 -10.47 8.20
C ALA A 416 -3.34 -9.14 8.67
N VAL A 417 -2.60 -8.05 8.45
CA VAL A 417 -3.10 -6.74 8.85
C VAL A 417 -4.38 -6.40 8.10
N GLU A 418 -4.42 -6.72 6.80
CA GLU A 418 -5.63 -6.52 6.01
C GLU A 418 -6.83 -7.21 6.63
N SER A 419 -6.66 -8.50 6.94
CA SER A 419 -7.76 -9.27 7.50
C SER A 419 -8.17 -8.72 8.86
N GLY A 420 -7.22 -8.17 9.62
CA GLY A 420 -7.56 -7.56 10.88
C GLY A 420 -8.42 -6.31 10.71
N LEU A 421 -8.06 -5.47 9.73
CA LEU A 421 -8.89 -4.29 9.46
C LEU A 421 -10.29 -4.70 9.04
N ARG A 422 -10.39 -5.68 8.15
CA ARG A 422 -11.71 -6.15 7.72
C ARG A 422 -12.51 -6.69 8.91
N ALA A 423 -11.86 -7.46 9.78
CA ALA A 423 -12.57 -8.03 10.92
C ALA A 423 -13.05 -6.94 11.87
N GLY A 424 -12.22 -5.90 12.06
CA GLY A 424 -12.68 -4.76 12.84
C GLY A 424 -13.95 -4.14 12.27
N ARG A 425 -13.95 -3.93 10.95
CA ARG A 425 -15.15 -3.37 10.31
C ARG A 425 -16.37 -4.27 10.55
N GLU A 426 -16.18 -5.59 10.39
CA GLU A 426 -17.31 -6.51 10.55
C GLU A 426 -17.81 -6.52 11.99
N VAL A 427 -16.90 -6.42 12.96
CA VAL A 427 -17.33 -6.31 14.35
C VAL A 427 -18.16 -5.05 14.55
N LYS A 428 -17.70 -3.93 13.98
CA LYS A 428 -18.45 -2.70 14.12
C LYS A 428 -19.84 -2.83 13.52
N GLN A 429 -19.95 -3.51 12.38
CA GLN A 429 -21.26 -3.68 11.75
C GLN A 429 -22.18 -4.53 12.62
N LEU A 430 -21.63 -5.58 13.24
CA LEU A 430 -22.49 -6.46 14.04
C LEU A 430 -22.94 -5.75 15.32
N LEU A 431 -22.03 -5.03 15.98
CA LEU A 431 -22.37 -4.39 17.24
C LEU A 431 -23.01 -3.03 17.06
N SER A 432 -22.70 -2.32 15.96
CA SER A 432 -23.14 -0.94 15.79
C SER A 432 -22.69 -0.10 16.99
N GLY B 1 -6.60 23.62 30.18
CA GLY B 1 -8.02 23.86 30.35
C GLY B 1 -8.63 24.68 29.23
N PHE B 2 -8.39 24.27 27.99
CA PHE B 2 -8.83 25.00 26.82
C PHE B 2 -10.17 24.48 26.33
N ASP B 3 -10.69 25.12 25.28
CA ASP B 3 -11.99 24.71 24.75
C ASP B 3 -11.94 23.32 24.16
N TYR B 4 -10.81 22.93 23.58
CA TYR B 4 -10.64 21.62 22.97
C TYR B 4 -9.22 21.14 23.19
N ASP B 5 -9.05 19.82 23.14
CA ASP B 5 -7.70 19.27 23.15
C ASP B 5 -6.98 19.57 21.84
N VAL B 6 -7.68 19.40 20.72
CA VAL B 6 -7.08 19.59 19.40
C VAL B 6 -8.08 20.21 18.45
N VAL B 7 -7.61 21.17 17.66
CA VAL B 7 -8.39 21.80 16.61
C VAL B 7 -7.71 21.51 15.28
N VAL B 8 -8.45 20.93 14.34
CA VAL B 8 -7.97 20.64 13.00
C VAL B 8 -8.54 21.68 12.06
N VAL B 9 -7.68 22.45 11.41
CA VAL B 9 -8.09 23.47 10.46
C VAL B 9 -8.01 22.85 9.06
N GLY B 10 -9.18 22.59 8.47
CA GLY B 10 -9.23 22.05 7.12
C GLY B 10 -10.03 20.77 7.03
N GLY B 11 -10.99 20.72 6.11
CA GLY B 11 -11.89 19.59 6.00
C GLY B 11 -11.64 18.71 4.79
N GLY B 12 -10.39 18.72 4.31
CA GLY B 12 -9.97 17.81 3.27
C GLY B 12 -9.58 16.45 3.85
N PHE B 13 -8.83 15.69 3.04
CA PHE B 13 -8.46 14.35 3.48
C PHE B 13 -7.44 14.38 4.61
N ALA B 14 -6.45 15.28 4.53
CA ALA B 14 -5.48 15.38 5.62
C ALA B 14 -6.17 15.74 6.93
N GLY B 15 -7.02 16.77 6.90
CA GLY B 15 -7.73 17.15 8.10
C GLY B 15 -8.66 16.06 8.60
N ALA B 16 -9.37 15.40 7.69
CA ALA B 16 -10.29 14.35 8.10
C ALA B 16 -9.55 13.18 8.73
N THR B 17 -8.40 12.81 8.16
CA THR B 17 -7.62 11.71 8.72
C THR B 17 -7.04 12.08 10.08
N ALA B 18 -6.49 13.28 10.19
CA ALA B 18 -5.97 13.74 11.48
C ALA B 18 -7.08 13.77 12.52
N ALA B 19 -8.27 14.25 12.15
CA ALA B 19 -9.37 14.30 13.09
C ALA B 19 -9.82 12.91 13.48
N ARG B 20 -9.83 11.97 12.54
CA ARG B 20 -10.20 10.59 12.88
C ARG B 20 -9.21 9.99 13.86
N GLU B 21 -7.91 10.15 13.59
CA GLU B 21 -6.89 9.64 14.51
C GLU B 21 -7.05 10.24 15.89
N CYS B 22 -7.17 11.57 15.97
CA CYS B 22 -7.27 12.23 17.27
C CYS B 22 -8.56 11.83 18.00
N GLY B 23 -9.68 11.77 17.27
CA GLY B 23 -10.93 11.43 17.91
C GLY B 23 -10.95 10.02 18.48
N LEU B 24 -10.37 9.06 17.74
CA LEU B 24 -10.34 7.69 18.25
C LEU B 24 -9.38 7.52 19.42
N GLN B 25 -8.49 8.47 19.68
CA GLN B 25 -7.69 8.47 20.89
C GLN B 25 -8.41 9.08 22.08
N GLY B 26 -9.60 9.63 21.90
CA GLY B 26 -10.36 10.19 23.00
C GLY B 26 -10.17 11.67 23.25
N TYR B 27 -9.38 12.35 22.42
CA TYR B 27 -9.20 13.78 22.58
C TYR B 27 -10.47 14.52 22.18
N ARG B 28 -10.74 15.63 22.88
CA ARG B 28 -11.84 16.52 22.48
C ARG B 28 -11.39 17.30 21.26
N THR B 29 -12.01 17.00 20.12
CA THR B 29 -11.49 17.42 18.81
C THR B 29 -12.52 18.27 18.09
N LEU B 30 -12.07 19.39 17.53
CA LEU B 30 -12.91 20.23 16.69
C LEU B 30 -12.28 20.34 15.32
N LEU B 31 -13.11 20.40 14.27
CA LEU B 31 -12.63 20.63 12.92
C LEU B 31 -13.29 21.88 12.35
N LEU B 32 -12.48 22.77 11.79
CA LEU B 32 -12.94 24.02 11.21
C LEU B 32 -12.71 23.98 9.71
N GLU B 33 -13.78 24.11 8.94
CA GLU B 33 -13.70 24.18 7.49
C GLU B 33 -14.19 25.55 7.03
N ALA B 34 -13.42 26.20 6.15
CA ALA B 34 -13.73 27.54 5.72
C ALA B 34 -14.86 27.56 4.68
N ARG B 35 -14.89 26.56 3.81
CA ARG B 35 -15.97 26.47 2.82
C ARG B 35 -17.26 26.02 3.49
N SER B 36 -18.35 26.10 2.73
CA SER B 36 -19.63 25.56 3.16
C SER B 36 -19.74 24.06 2.90
N ARG B 37 -18.68 23.44 2.40
CA ARG B 37 -18.66 22.03 2.08
C ARG B 37 -17.39 21.40 2.63
N LEU B 38 -17.39 20.07 2.71
CA LEU B 38 -16.19 19.32 2.99
C LEU B 38 -15.54 18.85 1.69
N GLY B 39 -14.34 18.30 1.80
CA GLY B 39 -13.62 17.71 0.69
C GLY B 39 -12.36 18.47 0.29
N GLY B 40 -12.33 19.77 0.51
CA GLY B 40 -11.16 20.57 0.15
C GLY B 40 -10.92 20.53 -1.34
N ARG B 41 -9.77 20.00 -1.75
CA ARG B 41 -9.43 19.88 -3.15
C ARG B 41 -9.98 18.62 -3.79
N THR B 42 -10.78 17.85 -3.06
CA THR B 42 -11.69 16.87 -3.63
C THR B 42 -13.11 17.42 -3.51
N PHE B 43 -13.94 17.14 -4.51
CA PHE B 43 -15.28 17.71 -4.53
C PHE B 43 -16.19 16.80 -5.35
N THR B 44 -17.06 16.05 -4.66
CA THR B 44 -18.00 15.16 -5.33
C THR B 44 -19.25 15.95 -5.65
N SER B 45 -19.65 15.92 -6.92
CA SER B 45 -20.79 16.70 -7.41
C SER B 45 -21.53 15.85 -8.44
N ARG B 46 -22.42 16.50 -9.18
CA ARG B 46 -23.22 15.81 -10.19
C ARG B 46 -23.26 16.64 -11.45
N PHE B 47 -23.23 15.95 -12.59
CA PHE B 47 -23.28 16.57 -13.91
C PHE B 47 -23.92 15.61 -14.88
N ALA B 48 -24.86 16.12 -15.69
CA ALA B 48 -25.48 15.34 -16.76
C ALA B 48 -26.03 14.02 -16.24
N GLY B 49 -26.65 14.06 -15.07
CA GLY B 49 -27.28 12.88 -14.51
C GLY B 49 -26.33 11.88 -13.90
N GLN B 50 -25.07 12.25 -13.66
CA GLN B 50 -24.07 11.32 -13.16
C GLN B 50 -23.29 11.97 -12.01
N GLU B 51 -22.63 11.12 -11.23
CA GLU B 51 -21.72 11.60 -10.20
C GLU B 51 -20.36 11.88 -10.82
N ILE B 52 -19.76 13.02 -10.43
CA ILE B 52 -18.48 13.46 -10.95
C ILE B 52 -17.60 13.94 -9.81
N GLU B 53 -16.29 14.00 -10.07
CA GLU B 53 -15.32 14.55 -9.14
C GLU B 53 -14.67 15.77 -9.77
N PHE B 54 -14.87 16.93 -9.15
CA PHE B 54 -14.30 18.18 -9.67
C PHE B 54 -12.85 18.34 -9.26
N GLY B 55 -12.38 17.57 -8.29
CA GLY B 55 -11.01 17.62 -7.83
C GLY B 55 -10.38 16.24 -7.90
N GLY B 56 -9.67 15.84 -6.86
CA GLY B 56 -9.04 14.54 -6.86
C GLY B 56 -10.09 13.44 -6.85
N ALA B 57 -9.78 12.34 -7.51
CA ALA B 57 -10.78 11.30 -7.74
C ALA B 57 -10.22 9.90 -7.77
N TRP B 58 -8.99 9.72 -8.22
CA TRP B 58 -8.46 8.41 -8.57
C TRP B 58 -7.47 7.92 -7.52
N VAL B 59 -7.55 6.63 -7.21
CA VAL B 59 -6.76 5.98 -6.18
C VAL B 59 -6.24 4.65 -6.71
N HIS B 60 -5.47 3.95 -5.88
CA HIS B 60 -4.87 2.67 -6.27
C HIS B 60 -4.43 1.91 -5.03
N TRP B 61 -4.27 0.59 -5.18
CA TRP B 61 -3.81 -0.24 -4.09
C TRP B 61 -2.29 -0.14 -3.86
N LEU B 62 -1.54 0.33 -4.84
CA LEU B 62 -0.12 0.66 -4.61
C LEU B 62 0.05 1.96 -3.84
N GLN B 63 -1.05 2.62 -3.46
CA GLN B 63 -1.02 3.81 -2.62
C GLN B 63 -1.41 3.37 -1.21
N PRO B 64 -0.46 3.24 -0.28
CA PRO B 64 -0.75 2.47 0.95
C PRO B 64 -1.82 3.07 1.84
N HIS B 65 -1.73 4.37 2.13
CA HIS B 65 -2.54 4.94 3.21
C HIS B 65 -4.01 4.99 2.82
N VAL B 66 -4.32 5.49 1.63
CA VAL B 66 -5.72 5.59 1.24
C VAL B 66 -6.30 4.20 0.99
N TRP B 67 -5.51 3.26 0.48
CA TRP B 67 -6.02 1.91 0.28
C TRP B 67 -6.35 1.24 1.62
N ALA B 68 -5.50 1.44 2.62
CA ALA B 68 -5.80 0.89 3.95
C ALA B 68 -7.07 1.52 4.51
N GLU B 69 -7.26 2.83 4.31
CA GLU B 69 -8.51 3.45 4.74
C GLU B 69 -9.71 2.83 4.03
N MET B 70 -9.60 2.60 2.72
CA MET B 70 -10.70 1.99 1.98
C MET B 70 -11.00 0.60 2.51
N GLN B 71 -9.97 -0.12 2.94
CA GLN B 71 -10.21 -1.42 3.57
C GLN B 71 -10.93 -1.25 4.90
N ARG B 72 -10.50 -0.28 5.71
CA ARG B 72 -11.12 -0.05 7.01
C ARG B 72 -12.61 0.24 6.86
N TYR B 73 -12.99 1.05 5.88
CA TYR B 73 -14.37 1.48 5.74
C TYR B 73 -15.12 0.70 4.66
N GLY B 74 -14.53 -0.35 4.11
CA GLY B 74 -15.26 -1.25 3.23
C GLY B 74 -15.62 -0.68 1.88
N LEU B 75 -14.72 0.09 1.28
CA LEU B 75 -14.97 0.74 -0.01
C LEU B 75 -14.17 0.04 -1.10
N GLY B 76 -14.84 -0.34 -2.18
CA GLY B 76 -14.20 -0.88 -3.35
C GLY B 76 -13.77 0.20 -4.32
N VAL B 77 -13.53 -0.20 -5.56
CA VAL B 77 -13.11 0.71 -6.62
C VAL B 77 -14.20 0.82 -7.68
N VAL B 78 -14.12 1.89 -8.47
CA VAL B 78 -14.98 2.13 -9.61
C VAL B 78 -14.07 2.37 -10.81
N GLU B 79 -14.20 1.55 -11.84
CA GLU B 79 -13.28 1.60 -12.97
C GLU B 79 -13.77 2.60 -14.01
N ASP B 80 -12.88 3.49 -14.40
CA ASP B 80 -13.17 4.35 -15.54
C ASP B 80 -12.66 3.71 -16.83
N PRO B 81 -13.32 3.99 -17.96
CA PRO B 81 -13.03 3.24 -19.18
C PRO B 81 -11.71 3.64 -19.83
N LEU B 82 -10.60 3.22 -19.24
CA LEU B 82 -9.27 3.50 -19.77
C LEU B 82 -8.72 2.38 -20.62
N THR B 83 -9.06 1.12 -20.31
CA THR B 83 -8.59 0.00 -21.11
C THR B 83 -9.31 -0.04 -22.45
N ASN B 84 -8.70 -0.75 -23.40
CA ASN B 84 -9.21 -0.87 -24.76
C ASN B 84 -9.75 0.46 -25.25
N LEU B 85 -8.87 1.35 -25.66
CA LEU B 85 -9.25 2.69 -26.07
C LEU B 85 -9.56 2.68 -27.56
N ASP B 86 -10.60 3.43 -27.93
CA ASP B 86 -10.99 3.55 -29.32
C ASP B 86 -10.26 4.67 -30.06
N LYS B 87 -9.73 5.66 -29.35
CA LYS B 87 -9.12 6.81 -30.01
C LYS B 87 -8.13 7.47 -29.05
N THR B 88 -6.87 7.55 -29.48
CA THR B 88 -5.81 8.26 -28.76
C THR B 88 -5.25 9.36 -29.65
N LEU B 89 -5.19 10.58 -29.10
CA LEU B 89 -4.77 11.76 -29.85
C LEU B 89 -3.68 12.55 -29.14
N ILE B 90 -2.87 13.25 -29.93
CA ILE B 90 -1.94 14.26 -29.45
C ILE B 90 -2.23 15.57 -30.16
N MET B 91 -2.33 16.65 -29.39
CA MET B 91 -2.44 18.00 -29.93
C MET B 91 -1.16 18.74 -29.57
N TYR B 92 -0.41 19.16 -30.59
CA TYR B 92 0.84 19.87 -30.38
C TYR B 92 0.56 21.32 -30.02
N ASN B 93 1.61 22.02 -29.58
CA ASN B 93 1.46 23.42 -29.19
C ASN B 93 0.81 24.25 -30.29
N ASP B 94 1.08 23.92 -31.56
CA ASP B 94 0.57 24.71 -32.68
C ASP B 94 -0.89 24.39 -33.01
N GLY B 95 -1.54 23.50 -32.26
CA GLY B 95 -2.93 23.19 -32.46
C GLY B 95 -3.21 22.04 -33.42
N SER B 96 -2.18 21.56 -34.13
CA SER B 96 -2.38 20.43 -35.02
C SER B 96 -2.63 19.16 -34.21
N VAL B 97 -3.49 18.29 -34.73
CA VAL B 97 -3.89 17.06 -34.06
C VAL B 97 -3.39 15.86 -34.85
N GLU B 98 -2.76 14.93 -34.17
CA GLU B 98 -2.30 13.68 -34.76
C GLU B 98 -2.97 12.54 -34.00
N SER B 99 -3.69 11.70 -34.74
CA SER B 99 -4.35 10.52 -34.19
C SER B 99 -3.43 9.32 -34.33
N ILE B 100 -3.23 8.58 -33.24
CA ILE B 100 -2.30 7.47 -33.25
C ILE B 100 -3.06 6.22 -32.84
N SER B 101 -2.62 5.08 -33.35
CA SER B 101 -3.19 3.81 -32.92
C SER B 101 -2.97 3.68 -31.41
N PRO B 102 -3.99 3.32 -30.64
CA PRO B 102 -3.79 3.22 -29.18
C PRO B 102 -2.53 2.50 -28.74
N ASP B 103 -2.17 1.38 -29.38
CA ASP B 103 -0.95 0.68 -28.99
C ASP B 103 0.28 1.54 -29.26
N GLU B 104 0.36 2.13 -30.46
CA GLU B 104 1.50 2.99 -30.77
C GLU B 104 1.56 4.16 -29.81
N PHE B 105 0.41 4.75 -29.49
CA PHE B 105 0.36 5.85 -28.54
C PHE B 105 0.93 5.44 -27.20
N GLY B 106 0.45 4.31 -26.66
CA GLY B 106 0.94 3.83 -25.39
C GLY B 106 2.42 3.50 -25.39
N LYS B 107 2.87 2.84 -26.46
CA LYS B 107 4.28 2.52 -26.58
C LYS B 107 5.13 3.78 -26.55
N ASN B 108 4.70 4.84 -27.24
CA ASN B 108 5.53 6.03 -27.31
C ASN B 108 5.53 6.77 -25.99
N ILE B 109 4.38 6.88 -25.33
CA ILE B 109 4.38 7.53 -24.02
C ILE B 109 5.22 6.73 -23.03
N ARG B 110 5.20 5.40 -23.12
CA ARG B 110 6.01 4.59 -22.21
C ARG B 110 7.49 4.84 -22.47
N ILE B 111 7.90 4.82 -23.73
CA ILE B 111 9.30 5.09 -24.06
C ILE B 111 9.72 6.43 -23.49
N ALA B 112 8.90 7.46 -23.70
CA ALA B 112 9.29 8.80 -23.26
C ALA B 112 9.35 8.88 -21.74
N PHE B 113 8.36 8.33 -21.05
CA PHE B 113 8.32 8.41 -19.60
C PHE B 113 9.47 7.65 -18.96
N GLU B 114 9.73 6.43 -19.42
CA GLU B 114 10.81 5.64 -18.83
C GLU B 114 12.17 6.21 -19.20
N LYS B 115 12.27 6.92 -20.32
CA LYS B 115 13.50 7.64 -20.61
C LYS B 115 13.66 8.82 -19.66
N LEU B 116 12.57 9.51 -19.35
CA LEU B 116 12.65 10.61 -18.40
C LEU B 116 13.09 10.12 -17.03
N CYS B 117 12.59 8.95 -16.62
CA CYS B 117 12.84 8.40 -15.29
C CYS B 117 13.83 7.24 -15.33
N HIS B 118 14.76 7.25 -16.29
CA HIS B 118 15.64 6.09 -16.47
C HIS B 118 16.41 5.74 -15.21
N ASP B 119 16.69 6.72 -14.35
CA ASP B 119 17.50 6.51 -13.15
C ASP B 119 16.70 6.57 -11.86
N ALA B 120 15.38 6.36 -11.94
CA ALA B 120 14.54 6.42 -10.75
C ALA B 120 14.99 5.39 -9.72
N TRP B 121 15.46 4.23 -10.17
CA TRP B 121 15.90 3.19 -9.25
C TRP B 121 17.11 3.65 -8.44
N GLU B 122 18.10 4.25 -9.11
CA GLU B 122 19.32 4.67 -8.43
C GLU B 122 19.08 5.87 -7.54
N VAL B 123 18.20 6.79 -7.98
CA VAL B 123 18.02 8.05 -7.27
C VAL B 123 17.03 7.91 -6.12
N PHE B 124 15.98 7.10 -6.29
CA PHE B 124 14.94 6.95 -5.28
C PHE B 124 14.73 5.47 -5.00
N PRO B 125 15.74 4.79 -4.43
CA PRO B 125 15.52 3.42 -3.94
C PRO B 125 14.55 3.37 -2.77
N ARG B 126 14.37 4.47 -2.07
CA ARG B 126 13.43 4.60 -0.96
C ARG B 126 12.58 5.83 -1.23
N PRO B 127 11.54 5.72 -2.05
CA PRO B 127 10.77 6.92 -2.43
C PRO B 127 10.16 7.65 -1.24
N HIS B 128 9.96 6.98 -0.11
CA HIS B 128 9.42 7.62 1.08
C HIS B 128 10.50 8.23 1.97
N GLU B 129 11.75 8.19 1.53
CA GLU B 129 12.85 8.96 2.13
C GLU B 129 13.49 9.73 0.98
N PRO B 130 12.84 10.80 0.52
CA PRO B 130 13.28 11.42 -0.76
C PRO B 130 14.72 11.88 -0.77
N MET B 131 15.27 12.34 0.34
CA MET B 131 16.64 12.82 0.40
C MET B 131 17.62 11.71 0.79
N PHE B 132 17.23 10.44 0.60
CA PHE B 132 18.09 9.33 0.99
C PHE B 132 19.41 9.33 0.20
N THR B 133 19.36 9.66 -1.09
CA THR B 133 20.54 9.63 -1.95
C THR B 133 21.02 11.05 -2.23
N GLU B 134 22.33 11.18 -2.46
CA GLU B 134 22.88 12.46 -2.89
C GLU B 134 22.38 12.86 -4.27
N ARG B 135 22.14 11.88 -5.16
CA ARG B 135 21.70 12.21 -6.50
C ARG B 135 20.36 12.95 -6.49
N ALA B 136 19.47 12.61 -5.56
CA ALA B 136 18.19 13.33 -5.48
C ALA B 136 18.43 14.79 -5.14
N ARG B 137 19.28 15.06 -4.14
CA ARG B 137 19.59 16.43 -3.77
C ARG B 137 20.22 17.18 -4.94
N GLU B 138 21.12 16.53 -5.68
CA GLU B 138 21.79 17.21 -6.78
C GLU B 138 20.83 17.45 -7.94
N LEU B 139 19.90 16.53 -8.17
CA LEU B 139 18.95 16.70 -9.25
C LEU B 139 17.88 17.72 -8.90
N ASP B 140 17.71 18.03 -7.61
CA ASP B 140 16.79 19.11 -7.26
C ASP B 140 17.30 20.49 -7.69
N LYS B 141 18.43 20.56 -8.39
CA LYS B 141 18.82 21.78 -9.09
C LYS B 141 18.30 21.82 -10.52
N SER B 142 17.64 20.75 -10.96
CA SER B 142 17.22 20.59 -12.35
C SER B 142 15.70 20.65 -12.48
N SER B 143 15.25 21.11 -13.64
CA SER B 143 13.85 21.09 -14.02
C SER B 143 13.55 19.85 -14.86
N VAL B 144 12.26 19.56 -15.01
CA VAL B 144 11.83 18.50 -15.92
C VAL B 144 12.29 18.80 -17.35
N LEU B 145 12.21 20.07 -17.76
CA LEU B 145 12.63 20.44 -19.10
C LEU B 145 14.12 20.24 -19.30
N ASP B 146 14.92 20.52 -18.26
CA ASP B 146 16.37 20.30 -18.35
C ASP B 146 16.68 18.88 -18.76
N ARG B 147 15.97 17.91 -18.19
CA ARG B 147 16.20 16.52 -18.59
C ARG B 147 15.60 16.22 -19.95
N ILE B 148 14.36 16.66 -20.19
CA ILE B 148 13.72 16.40 -21.48
C ILE B 148 14.63 16.83 -22.62
N LYS B 149 15.39 17.92 -22.42
CA LYS B 149 16.27 18.42 -23.48
C LYS B 149 17.40 17.44 -23.81
N THR B 150 17.73 16.51 -22.92
CA THR B 150 18.81 15.57 -23.19
C THR B 150 18.35 14.28 -23.84
N LEU B 151 17.05 14.06 -23.99
CA LEU B 151 16.55 12.74 -24.35
C LEU B 151 16.48 12.47 -25.85
N GLY B 152 16.58 13.49 -26.69
CA GLY B 152 16.50 13.24 -28.13
C GLY B 152 15.25 12.52 -28.55
N LEU B 153 14.10 12.88 -27.97
CA LEU B 153 12.85 12.20 -28.27
C LEU B 153 12.34 12.57 -29.66
N SER B 154 11.45 11.73 -30.17
CA SER B 154 10.69 12.07 -31.37
C SER B 154 9.68 13.15 -31.06
N ARG B 155 9.11 13.74 -32.11
CA ARG B 155 8.13 14.81 -31.94
C ARG B 155 6.95 14.34 -31.08
N LEU B 156 6.38 13.19 -31.42
CA LEU B 156 5.25 12.66 -30.66
C LEU B 156 5.64 12.40 -29.21
N GLN B 157 6.75 11.72 -28.99
CA GLN B 157 7.16 11.37 -27.63
C GLN B 157 7.40 12.61 -26.78
N GLN B 158 8.10 13.60 -27.33
CA GLN B 158 8.38 14.81 -26.58
C GLN B 158 7.10 15.53 -26.23
N ALA B 159 6.18 15.66 -27.21
CA ALA B 159 4.92 16.32 -26.92
C ALA B 159 4.13 15.58 -25.85
N GLN B 160 4.09 14.24 -25.95
CA GLN B 160 3.37 13.44 -24.96
C GLN B 160 3.90 13.68 -23.56
N ILE B 161 5.21 13.55 -23.38
CA ILE B 161 5.76 13.63 -22.04
C ILE B 161 5.68 15.06 -21.51
N ASN B 162 5.82 16.05 -22.39
CA ASN B 162 5.70 17.43 -21.93
C ASN B 162 4.26 17.74 -21.51
N SER B 163 3.28 17.22 -22.23
N SER B 163 3.28 17.22 -22.23
CA SER B 163 1.89 17.41 -21.82
CA SER B 163 1.90 17.43 -21.81
C SER B 163 1.66 16.78 -20.45
C SER B 163 1.65 16.78 -20.45
N TYR B 164 2.12 15.54 -20.28
CA TYR B 164 1.98 14.85 -19.00
C TYR B 164 2.59 15.66 -17.87
N MET B 165 3.80 16.18 -18.09
CA MET B 165 4.51 16.90 -17.03
C MET B 165 3.96 18.29 -16.78
N ALA B 166 3.42 18.96 -17.81
CA ALA B 166 2.76 20.24 -17.58
C ALA B 166 1.46 20.04 -16.83
N LEU B 167 0.75 18.95 -17.09
CA LEU B 167 -0.44 18.65 -16.28
C LEU B 167 -0.04 18.45 -14.82
N TYR B 168 0.95 17.59 -14.57
CA TYR B 168 1.34 17.35 -13.18
C TYR B 168 1.92 18.59 -12.51
N ALA B 169 2.49 19.51 -13.30
CA ALA B 169 3.02 20.74 -12.75
C ALA B 169 1.95 21.81 -12.57
N GLY B 170 0.87 21.75 -13.36
CA GLY B 170 -0.04 22.87 -13.43
C GLY B 170 0.63 24.13 -13.93
N GLU B 171 1.66 23.99 -14.76
CA GLU B 171 2.54 25.08 -15.14
C GLU B 171 3.37 24.60 -16.32
N THR B 172 4.08 25.54 -16.95
CA THR B 172 5.03 25.14 -17.99
C THR B 172 6.17 24.33 -17.39
N THR B 173 6.67 23.37 -18.14
CA THR B 173 7.60 22.38 -17.58
C THR B 173 8.97 22.97 -17.26
N ASP B 174 9.29 24.16 -17.74
CA ASP B 174 10.56 24.78 -17.37
C ASP B 174 10.62 25.13 -15.89
N LYS B 175 9.49 25.15 -15.20
CA LYS B 175 9.43 25.48 -13.79
C LYS B 175 9.27 24.27 -12.89
N PHE B 176 9.07 23.08 -13.45
CA PHE B 176 8.67 21.91 -12.69
C PHE B 176 9.91 21.16 -12.19
N GLY B 177 9.98 20.96 -10.89
CA GLY B 177 11.05 20.19 -10.29
C GLY B 177 11.16 18.77 -10.81
N LEU B 178 12.36 18.37 -11.21
CA LEU B 178 12.55 17.00 -11.73
C LEU B 178 12.43 15.94 -10.64
N PRO B 179 13.03 16.09 -9.45
CA PRO B 179 13.06 14.96 -8.51
C PRO B 179 11.69 14.47 -8.06
N GLY B 180 10.72 15.37 -7.88
CA GLY B 180 9.42 14.93 -7.43
C GLY B 180 8.77 13.97 -8.41
N VAL B 181 8.99 14.18 -9.71
CA VAL B 181 8.46 13.27 -10.72
C VAL B 181 9.11 11.91 -10.61
N LEU B 182 10.45 11.88 -10.58
CA LEU B 182 11.16 10.62 -10.38
C LEU B 182 10.64 9.89 -9.15
N LYS B 183 10.36 10.65 -8.08
CA LYS B 183 9.93 10.03 -6.83
C LYS B 183 8.53 9.44 -6.95
N LEU B 184 7.61 10.13 -7.63
CA LEU B 184 6.29 9.56 -7.86
C LEU B 184 6.39 8.29 -8.69
N PHE B 185 7.14 8.37 -9.80
CA PHE B 185 7.38 7.20 -10.62
C PHE B 185 7.92 6.04 -9.79
N ALA B 186 8.85 6.32 -8.87
CA ALA B 186 9.39 5.27 -8.01
C ALA B 186 8.32 4.73 -7.07
N CYS B 187 7.48 5.60 -6.52
CA CYS B 187 6.35 5.13 -5.71
C CYS B 187 5.48 4.17 -6.50
N GLY B 188 5.42 4.34 -7.82
CA GLY B 188 4.63 3.46 -8.64
C GLY B 188 5.33 2.19 -9.09
N GLY B 189 6.25 1.68 -8.28
CA GLY B 189 6.97 0.47 -8.65
C GLY B 189 8.06 0.65 -9.68
N TRP B 190 8.52 1.88 -9.91
CA TRP B 190 9.61 2.17 -10.84
C TRP B 190 9.31 1.72 -12.28
N ASN B 191 8.04 1.76 -12.71
CA ASN B 191 7.73 1.35 -14.07
C ASN B 191 6.47 2.09 -14.53
N TYR B 192 6.45 2.46 -15.81
CA TYR B 192 5.43 3.36 -16.32
C TYR B 192 4.03 2.75 -16.23
N ASP B 193 3.87 1.48 -16.60
CA ASP B 193 2.53 0.90 -16.65
C ASP B 193 1.87 0.94 -15.28
N ALA B 194 2.60 0.50 -14.25
CA ALA B 194 2.03 0.50 -12.91
C ALA B 194 1.73 1.92 -12.44
N PHE B 195 2.66 2.86 -12.69
CA PHE B 195 2.44 4.23 -12.24
C PHE B 195 1.21 4.84 -12.91
N MET B 196 1.09 4.65 -14.23
CA MET B 196 -0.06 5.19 -14.93
C MET B 196 -1.35 4.57 -14.45
N ASP B 197 -1.30 3.30 -14.04
CA ASP B 197 -2.51 2.67 -13.52
C ASP B 197 -2.97 3.32 -12.21
N THR B 198 -2.06 3.95 -11.47
CA THR B 198 -2.45 4.56 -10.19
C THR B 198 -3.09 5.92 -10.35
N GLU B 199 -2.99 6.54 -11.52
CA GLU B 199 -3.29 7.96 -11.66
C GLU B 199 -4.74 8.25 -12.09
N THR B 200 -5.26 7.58 -13.12
CA THR B 200 -6.57 7.97 -13.65
C THR B 200 -7.42 6.78 -14.03
N HIS B 201 -7.36 5.68 -13.27
CA HIS B 201 -8.08 4.46 -13.62
C HIS B 201 -9.19 4.11 -12.65
N TYR B 202 -8.96 4.23 -11.36
CA TYR B 202 -9.90 3.77 -10.35
C TYR B 202 -10.30 4.91 -9.44
N ARG B 203 -11.60 5.06 -9.22
CA ARG B 203 -12.19 5.98 -8.26
C ARG B 203 -12.72 5.21 -7.07
N ILE B 204 -13.14 5.94 -6.04
CA ILE B 204 -13.61 5.33 -4.80
C ILE B 204 -15.11 5.06 -4.89
N GLN B 205 -15.51 3.87 -4.48
CA GLN B 205 -16.93 3.55 -4.36
C GLN B 205 -17.58 4.48 -3.35
N GLY B 206 -18.68 5.12 -3.76
CA GLY B 206 -19.35 6.09 -2.93
C GLY B 206 -18.70 7.46 -2.89
N GLY B 207 -17.52 7.61 -3.48
CA GLY B 207 -16.94 8.91 -3.71
C GLY B 207 -15.95 9.35 -2.64
N THR B 208 -15.10 10.30 -3.04
CA THR B 208 -14.17 10.94 -2.10
C THR B 208 -14.92 11.46 -0.89
N ILE B 209 -16.07 12.11 -1.11
CA ILE B 209 -16.83 12.64 0.01
C ILE B 209 -17.36 11.50 0.85
N GLY B 210 -17.62 10.35 0.24
CA GLY B 210 -18.02 9.20 1.02
C GLY B 210 -16.96 8.80 2.02
N LEU B 211 -15.70 8.72 1.57
CA LEU B 211 -14.65 8.36 2.50
C LEU B 211 -14.43 9.46 3.54
N ILE B 212 -14.53 10.72 3.12
CA ILE B 212 -14.35 11.83 4.07
C ILE B 212 -15.41 11.73 5.17
N ASN B 213 -16.66 11.53 4.79
CA ASN B 213 -17.74 11.45 5.76
C ASN B 213 -17.59 10.23 6.64
N ALA B 214 -17.14 9.11 6.08
CA ALA B 214 -16.91 7.93 6.91
C ALA B 214 -15.90 8.24 8.00
N MET B 215 -14.77 8.85 7.62
CA MET B 215 -13.74 9.16 8.61
C MET B 215 -14.27 10.14 9.66
N LEU B 216 -14.97 11.19 9.22
CA LEU B 216 -15.39 12.22 10.17
C LEU B 216 -16.47 11.69 11.11
N THR B 217 -17.36 10.83 10.61
CA THR B 217 -18.33 10.19 11.47
C THR B 217 -17.65 9.27 12.47
N ASP B 218 -16.70 8.47 12.01
CA ASP B 218 -15.93 7.61 12.91
C ASP B 218 -15.24 8.44 14.00
N SER B 219 -14.79 9.65 13.66
CA SER B 219 -13.97 10.42 14.58
C SER B 219 -14.75 10.90 15.79
N GLY B 220 -16.05 11.17 15.64
CA GLY B 220 -16.81 11.77 16.70
C GLY B 220 -16.53 13.24 16.92
N ALA B 221 -15.68 13.85 16.13
CA ALA B 221 -15.31 15.25 16.33
C ALA B 221 -16.48 16.16 16.00
N GLU B 222 -16.49 17.33 16.65
CA GLU B 222 -17.36 18.41 16.21
C GLU B 222 -16.81 19.00 14.91
N VAL B 223 -17.71 19.29 13.98
CA VAL B 223 -17.34 19.80 12.67
C VAL B 223 -18.12 21.09 12.43
N ARG B 224 -17.40 22.21 12.34
CA ARG B 224 -17.98 23.51 12.11
C ARG B 224 -17.59 23.97 10.71
N MET B 225 -18.58 24.42 9.95
CA MET B 225 -18.37 24.81 8.56
C MET B 225 -18.51 26.31 8.41
N SER B 226 -18.00 26.83 7.29
CA SER B 226 -18.02 28.26 7.01
C SER B 226 -17.33 29.05 8.11
N VAL B 227 -16.28 28.47 8.69
CA VAL B 227 -15.51 29.13 9.75
C VAL B 227 -14.06 29.24 9.30
N PRO B 228 -13.69 30.25 8.52
CA PRO B 228 -12.29 30.40 8.12
C PRO B 228 -11.43 30.88 9.27
N VAL B 229 -10.24 30.30 9.39
CA VAL B 229 -9.26 30.70 10.39
C VAL B 229 -8.39 31.79 9.79
N THR B 230 -8.17 32.87 10.55
CA THR B 230 -7.38 34.00 10.09
C THR B 230 -6.09 34.20 10.86
N ALA B 231 -5.96 33.65 12.07
CA ALA B 231 -4.74 33.81 12.83
C ALA B 231 -4.64 32.71 13.88
N VAL B 232 -3.40 32.44 14.28
CA VAL B 232 -3.08 31.48 15.32
C VAL B 232 -2.07 32.13 16.25
N GLU B 233 -2.30 32.01 17.56
CA GLU B 233 -1.37 32.51 18.56
C GLU B 233 -1.10 31.41 19.58
N GLN B 234 0.17 31.22 19.91
CA GLN B 234 0.57 30.27 20.94
C GLN B 234 0.73 31.01 22.26
N VAL B 235 -0.07 30.62 23.26
CA VAL B 235 -0.09 31.33 24.53
C VAL B 235 -0.71 30.41 25.58
N ASN B 236 -0.32 30.61 26.84
CA ASN B 236 -0.86 29.84 27.97
C ASN B 236 -0.71 28.34 27.75
N GLY B 237 0.43 27.93 27.20
CA GLY B 237 0.67 26.52 26.95
C GLY B 237 -0.32 25.90 25.98
N GLY B 238 -0.79 26.67 25.02
CA GLY B 238 -1.77 26.19 24.07
C GLY B 238 -1.77 27.14 22.89
N VAL B 239 -2.92 27.21 22.21
CA VAL B 239 -3.06 28.06 21.04
C VAL B 239 -4.43 28.70 21.06
N LYS B 240 -4.48 29.96 20.61
CA LYS B 240 -5.71 30.71 20.40
C LYS B 240 -5.92 30.87 18.90
N ILE B 241 -7.14 30.60 18.44
CA ILE B 241 -7.49 30.59 17.03
C ILE B 241 -8.54 31.66 16.80
N LYS B 242 -8.25 32.59 15.90
CA LYS B 242 -9.18 33.63 15.51
C LYS B 242 -9.83 33.25 14.20
N THR B 243 -11.14 33.43 14.11
CA THR B 243 -11.89 33.19 12.89
C THR B 243 -12.13 34.51 12.17
N ASP B 244 -12.90 34.46 11.08
CA ASP B 244 -13.16 35.66 10.30
C ASP B 244 -14.17 36.58 10.97
N ASP B 245 -14.95 36.09 11.92
CA ASP B 245 -15.85 36.94 12.70
C ASP B 245 -15.25 37.24 14.08
N ASP B 246 -16.09 37.32 15.12
CA ASP B 246 -15.62 37.58 16.49
C ASP B 246 -15.30 36.31 17.27
N GLU B 247 -15.22 35.15 16.62
CA GLU B 247 -15.00 33.92 17.37
C GLU B 247 -13.54 33.69 17.69
N ILE B 248 -13.29 33.20 18.91
CA ILE B 248 -11.97 32.78 19.37
C ILE B 248 -12.12 31.38 19.95
N ILE B 249 -11.23 30.48 19.56
CA ILE B 249 -11.25 29.11 20.07
C ILE B 249 -9.87 28.78 20.63
N THR B 250 -9.83 28.31 21.86
CA THR B 250 -8.57 27.90 22.47
C THR B 250 -8.44 26.38 22.39
N ALA B 251 -7.20 25.91 22.35
CA ALA B 251 -6.97 24.48 22.27
C ALA B 251 -5.55 24.14 22.70
N GLY B 252 -5.35 22.88 23.08
CA GLY B 252 -4.02 22.44 23.44
C GLY B 252 -3.07 22.38 22.26
N VAL B 253 -3.56 21.95 21.10
CA VAL B 253 -2.78 21.94 19.87
C VAL B 253 -3.72 22.14 18.69
N VAL B 254 -3.15 22.60 17.58
CA VAL B 254 -3.87 22.80 16.34
C VAL B 254 -3.08 22.12 15.23
N VAL B 255 -3.80 21.49 14.32
CA VAL B 255 -3.23 20.84 13.14
C VAL B 255 -3.67 21.66 11.94
N MET B 256 -2.71 22.29 11.27
CA MET B 256 -2.98 23.05 10.05
C MET B 256 -2.86 22.09 8.87
N THR B 257 -3.94 22.01 8.08
CA THR B 257 -3.94 21.20 6.87
C THR B 257 -4.35 21.99 5.64
N VAL B 258 -4.46 23.32 5.74
CA VAL B 258 -4.85 24.15 4.61
C VAL B 258 -3.79 24.06 3.52
N PRO B 259 -4.14 24.25 2.26
CA PRO B 259 -3.13 24.18 1.20
C PRO B 259 -2.06 25.25 1.38
N LEU B 260 -0.83 24.90 1.02
CA LEU B 260 0.29 25.82 1.18
C LEU B 260 -0.07 27.21 0.66
N ASN B 261 -0.64 27.27 -0.54
CA ASN B 261 -0.87 28.54 -1.22
C ASN B 261 -1.83 29.46 -0.47
N THR B 262 -2.47 29.01 0.59
CA THR B 262 -3.40 29.83 1.35
C THR B 262 -2.82 30.34 2.67
N TYR B 263 -1.60 29.90 3.04
CA TYR B 263 -1.02 30.33 4.30
C TYR B 263 -0.80 31.84 4.34
N LYS B 264 -0.60 32.47 3.18
CA LYS B 264 -0.43 33.92 3.15
C LYS B 264 -1.58 34.63 3.84
N HIS B 265 -2.76 34.01 3.88
CA HIS B 265 -3.95 34.66 4.43
C HIS B 265 -4.11 34.44 5.93
N ILE B 266 -3.06 33.99 6.63
CA ILE B 266 -3.16 33.60 8.03
C ILE B 266 -1.99 34.17 8.80
N GLY B 267 -2.28 34.86 9.90
CA GLY B 267 -1.24 35.40 10.77
C GLY B 267 -0.83 34.40 11.83
N PHE B 268 0.46 34.36 12.12
CA PHE B 268 1.03 33.43 13.09
C PHE B 268 1.80 34.21 14.14
N THR B 269 1.51 33.92 15.42
CA THR B 269 2.21 34.54 16.53
C THR B 269 2.62 33.45 17.51
N PRO B 270 3.92 33.28 17.82
CA PRO B 270 5.07 33.93 17.18
C PRO B 270 5.15 33.59 15.70
N ALA B 271 5.91 34.35 14.94
CA ALA B 271 6.08 34.05 13.53
C ALA B 271 6.74 32.68 13.36
N LEU B 272 6.48 32.06 12.22
CA LEU B 272 7.01 30.74 11.91
C LEU B 272 8.48 30.82 11.50
N SER B 273 9.15 29.67 11.57
CA SER B 273 10.56 29.57 11.20
C SER B 273 10.82 30.15 9.81
N LYS B 274 12.07 30.56 9.57
CA LYS B 274 12.42 31.18 8.30
C LYS B 274 12.16 30.26 7.12
N GLY B 275 12.49 28.97 7.26
CA GLY B 275 12.27 28.04 6.16
C GLY B 275 10.81 27.90 5.79
N LYS B 276 9.96 27.72 6.80
CA LYS B 276 8.53 27.63 6.54
C LYS B 276 8.02 28.92 5.90
N GLN B 277 8.56 30.06 6.32
CA GLN B 277 8.15 31.33 5.72
C GLN B 277 8.57 31.40 4.26
N ARG B 278 9.73 30.84 3.93
CA ARG B 278 10.15 30.78 2.54
C ARG B 278 9.17 29.95 1.72
N PHE B 279 8.79 28.79 2.24
CA PHE B 279 7.80 27.97 1.54
C PHE B 279 6.50 28.73 1.36
N ILE B 280 6.02 29.39 2.43
CA ILE B 280 4.76 30.12 2.36
C ILE B 280 4.83 31.23 1.32
N LYS B 281 6.00 31.86 1.18
CA LYS B 281 6.14 32.89 0.17
C LYS B 281 6.16 32.32 -1.24
N GLU B 282 6.90 31.21 -1.44
CA GLU B 282 6.99 30.60 -2.76
C GLU B 282 5.65 30.03 -3.21
N GLY B 283 5.02 29.24 -2.35
CA GLY B 283 3.87 28.48 -2.76
C GLY B 283 4.30 27.30 -3.61
N GLN B 284 3.30 26.60 -4.14
CA GLN B 284 3.51 25.55 -5.13
C GLN B 284 2.89 25.97 -6.46
N LEU B 285 3.31 25.29 -7.53
CA LEU B 285 3.17 25.81 -8.89
C LEU B 285 1.73 25.76 -9.42
N SER B 286 0.94 24.76 -9.00
CA SER B 286 -0.19 24.31 -9.81
C SER B 286 -1.26 25.39 -9.99
N LYS B 287 -1.69 25.57 -11.23
CA LYS B 287 -2.75 26.49 -11.60
C LYS B 287 -3.84 25.77 -12.38
N GLY B 288 -4.17 24.54 -11.96
CA GLY B 288 -5.02 23.69 -12.75
C GLY B 288 -6.51 23.96 -12.56
N ALA B 289 -7.28 23.38 -13.48
CA ALA B 289 -8.74 23.42 -13.44
C ALA B 289 -9.28 22.11 -13.97
N LYS B 290 -10.55 21.82 -13.66
CA LYS B 290 -11.19 20.61 -14.16
C LYS B 290 -12.48 20.95 -14.91
N LEU B 291 -12.74 20.20 -15.98
CA LEU B 291 -13.86 20.49 -16.87
C LEU B 291 -14.47 19.17 -17.35
N TYR B 292 -15.78 19.06 -17.21
CA TYR B 292 -16.54 17.94 -17.75
C TYR B 292 -17.38 18.46 -18.91
N VAL B 293 -17.38 17.73 -20.01
CA VAL B 293 -18.12 18.13 -21.21
C VAL B 293 -19.03 17.00 -21.63
N HIS B 294 -20.32 17.28 -21.73
CA HIS B 294 -21.31 16.33 -22.23
C HIS B 294 -21.62 16.65 -23.69
N VAL B 295 -21.27 15.72 -24.58
CA VAL B 295 -21.48 15.85 -26.02
C VAL B 295 -22.49 14.80 -26.48
N LYS B 296 -23.24 15.16 -27.53
CA LYS B 296 -24.35 14.33 -27.98
C LYS B 296 -23.86 13.02 -28.59
N GLN B 297 -22.76 13.06 -29.31
CA GLN B 297 -22.23 11.88 -29.99
C GLN B 297 -21.63 10.89 -29.00
N ASN B 298 -21.58 9.63 -29.42
CA ASN B 298 -20.95 8.55 -28.66
C ASN B 298 -19.52 8.36 -29.17
N LEU B 299 -18.56 8.97 -28.47
CA LEU B 299 -17.16 8.88 -28.89
C LEU B 299 -16.47 7.62 -28.40
N GLY B 300 -17.10 6.82 -27.55
CA GLY B 300 -16.44 5.64 -27.05
C GLY B 300 -15.39 5.99 -26.01
N ARG B 301 -14.33 5.18 -25.98
CA ARG B 301 -13.26 5.31 -25.00
C ARG B 301 -12.15 6.12 -25.66
N VAL B 302 -11.97 7.35 -25.21
CA VAL B 302 -10.99 8.25 -25.82
C VAL B 302 -10.00 8.71 -24.76
N PHE B 303 -8.79 9.01 -25.26
CA PHE B 303 -7.70 9.55 -24.45
C PHE B 303 -6.91 10.52 -25.34
N ALA B 304 -6.58 11.69 -24.79
CA ALA B 304 -5.80 12.65 -25.55
C ALA B 304 -4.87 13.45 -24.64
N PHE B 305 -3.67 13.71 -25.16
CA PHE B 305 -2.76 14.71 -24.59
C PHE B 305 -2.80 15.96 -25.46
N ALA B 306 -2.69 17.12 -24.81
CA ALA B 306 -2.41 18.37 -25.50
C ALA B 306 -1.25 19.05 -24.79
N ASP B 307 -0.27 19.53 -25.56
CA ASP B 307 0.91 20.14 -24.98
C ASP B 307 0.56 21.46 -24.30
N GLU B 308 1.55 22.06 -23.64
CA GLU B 308 1.28 23.06 -22.61
C GLU B 308 0.74 24.37 -23.15
N GLN B 309 0.96 24.68 -24.43
CA GLN B 309 0.42 25.92 -24.98
C GLN B 309 -1.05 25.81 -25.35
N GLN B 310 -1.66 24.64 -25.19
CA GLN B 310 -3.08 24.44 -25.46
C GLN B 310 -3.83 24.11 -24.19
N PRO B 311 -5.16 24.27 -24.18
CA PRO B 311 -5.91 24.16 -22.92
C PRO B 311 -6.33 22.76 -22.51
N LEU B 312 -6.71 21.90 -23.45
CA LEU B 312 -7.30 20.60 -23.10
C LEU B 312 -6.18 19.56 -22.96
N ASN B 313 -5.50 19.63 -21.82
CA ASN B 313 -4.21 18.96 -21.67
C ASN B 313 -4.35 17.47 -21.40
N TRP B 314 -5.33 17.06 -20.59
CA TRP B 314 -5.57 15.63 -20.35
C TRP B 314 -7.05 15.34 -20.55
N VAL B 315 -7.37 14.54 -21.56
CA VAL B 315 -8.76 14.20 -21.86
C VAL B 315 -8.95 12.69 -21.78
N GLN B 316 -10.04 12.26 -21.15
CA GLN B 316 -10.36 10.83 -21.11
C GLN B 316 -11.85 10.64 -20.89
N THR B 317 -12.37 9.52 -21.39
CA THR B 317 -13.81 9.27 -21.30
C THR B 317 -14.24 8.97 -19.86
N HIS B 318 -15.21 9.74 -19.36
CA HIS B 318 -15.85 9.44 -18.07
C HIS B 318 -16.98 8.42 -18.24
N ASP B 319 -17.82 8.59 -19.26
CA ASP B 319 -18.86 7.62 -19.55
C ASP B 319 -19.35 7.84 -20.98
N TYR B 320 -19.92 6.79 -21.56
CA TYR B 320 -20.35 6.83 -22.95
C TYR B 320 -21.47 5.83 -23.16
N SER B 321 -22.35 6.15 -24.09
CA SER B 321 -23.40 5.25 -24.53
C SER B 321 -24.11 5.92 -25.70
N ASP B 322 -24.93 5.14 -26.40
CA ASP B 322 -25.66 5.70 -27.53
C ASP B 322 -26.70 6.71 -27.05
N GLU B 323 -27.42 6.39 -25.97
CA GLU B 323 -28.41 7.32 -25.43
C GLU B 323 -27.76 8.53 -24.78
N LEU B 324 -26.70 8.32 -24.00
CA LEU B 324 -26.07 9.43 -23.28
C LEU B 324 -25.25 10.31 -24.21
N GLY B 325 -24.58 9.71 -25.19
CA GLY B 325 -23.52 10.39 -25.91
C GLY B 325 -22.18 10.11 -25.24
N THR B 326 -21.47 11.17 -24.88
CA THR B 326 -20.23 11.00 -24.14
C THR B 326 -20.09 12.11 -23.10
N ILE B 327 -19.55 11.75 -21.93
CA ILE B 327 -19.03 12.71 -20.97
C ILE B 327 -17.52 12.60 -21.00
N LEU B 328 -16.86 13.71 -21.28
CA LEU B 328 -15.40 13.79 -21.27
C LEU B 328 -14.95 14.42 -19.97
N SER B 329 -13.97 13.79 -19.32
CA SER B 329 -13.27 14.36 -18.19
C SER B 329 -12.00 15.00 -18.70
N ILE B 330 -11.81 16.29 -18.40
CA ILE B 330 -10.71 17.07 -18.93
C ILE B 330 -10.03 17.77 -17.76
N THR B 331 -8.73 17.59 -17.66
CA THR B 331 -7.91 18.30 -16.68
C THR B 331 -7.03 19.29 -17.42
N ILE B 332 -7.12 20.56 -16.99
CA ILE B 332 -6.44 21.69 -17.59
C ILE B 332 -5.27 22.08 -16.73
N ALA B 333 -4.08 22.15 -17.33
CA ALA B 333 -2.88 22.45 -16.56
C ALA B 333 -2.89 23.87 -16.05
N ARG B 334 -3.27 24.83 -16.90
CA ARG B 334 -3.22 26.25 -16.56
C ARG B 334 -4.57 26.89 -16.88
N LYS B 335 -5.24 27.40 -15.86
CA LYS B 335 -6.56 28.01 -16.05
C LYS B 335 -6.51 29.13 -17.09
N GLU B 336 -5.41 29.89 -17.11
CA GLU B 336 -5.31 31.03 -18.01
C GLU B 336 -5.42 30.65 -19.49
N THR B 337 -5.31 29.37 -19.84
CA THR B 337 -5.36 28.98 -21.24
C THR B 337 -6.78 28.83 -21.80
N ILE B 338 -7.81 28.89 -20.95
CA ILE B 338 -9.19 28.74 -21.42
C ILE B 338 -10.13 29.27 -20.36
N ASP B 339 -11.23 29.87 -20.82
CA ASP B 339 -12.29 30.34 -19.93
C ASP B 339 -13.27 29.19 -19.76
N VAL B 340 -13.04 28.35 -18.75
CA VAL B 340 -13.85 27.16 -18.56
C VAL B 340 -15.31 27.50 -18.27
N ASN B 341 -15.59 28.70 -17.78
CA ASN B 341 -16.96 29.09 -17.49
C ASN B 341 -17.66 29.75 -18.68
N ASP B 342 -16.97 29.86 -19.82
CA ASP B 342 -17.58 30.33 -21.06
C ASP B 342 -17.79 29.10 -21.94
N ARG B 343 -19.06 28.73 -22.13
CA ARG B 343 -19.37 27.49 -22.80
C ARG B 343 -19.08 27.54 -24.30
N ASP B 344 -19.14 28.73 -24.91
CA ASP B 344 -18.86 28.82 -26.35
C ASP B 344 -17.38 28.60 -26.63
N ALA B 345 -16.50 29.16 -25.80
CA ALA B 345 -15.07 28.92 -25.98
C ALA B 345 -14.72 27.47 -25.71
N VAL B 346 -15.28 26.89 -24.66
CA VAL B 346 -15.09 25.46 -24.39
C VAL B 346 -15.52 24.64 -25.59
N THR B 347 -16.66 24.98 -26.18
CA THR B 347 -17.14 24.25 -27.34
C THR B 347 -16.16 24.38 -28.51
N ARG B 348 -15.65 25.59 -28.73
CA ARG B 348 -14.68 25.78 -29.81
C ARG B 348 -13.46 24.91 -29.62
N GLU B 349 -12.92 24.87 -28.40
CA GLU B 349 -11.71 24.07 -28.17
C GLU B 349 -11.99 22.58 -28.29
N VAL B 350 -13.13 22.13 -27.74
CA VAL B 350 -13.49 20.72 -27.83
C VAL B 350 -13.63 20.31 -29.29
N GLN B 351 -14.26 21.16 -30.10
CA GLN B 351 -14.37 20.85 -31.52
C GLN B 351 -13.02 20.88 -32.21
N LYS B 352 -12.11 21.74 -31.74
CA LYS B 352 -10.74 21.71 -32.24
C LYS B 352 -10.12 20.34 -32.01
N MET B 353 -10.50 19.66 -30.93
CA MET B 353 -10.00 18.31 -30.71
C MET B 353 -10.88 17.24 -31.34
N PHE B 354 -12.20 17.40 -31.29
CA PHE B 354 -13.15 16.40 -31.78
C PHE B 354 -14.09 17.08 -32.77
N PRO B 355 -13.67 17.23 -34.02
CA PRO B 355 -14.48 18.00 -34.99
C PRO B 355 -15.92 17.49 -35.06
N GLY B 356 -16.84 18.44 -35.19
CA GLY B 356 -18.23 18.12 -35.50
C GLY B 356 -19.08 17.71 -34.32
N VAL B 357 -18.51 17.59 -33.12
CA VAL B 357 -19.31 17.15 -31.99
C VAL B 357 -20.23 18.29 -31.55
N GLU B 358 -21.36 17.92 -30.97
CA GLU B 358 -22.34 18.87 -30.46
C GLU B 358 -22.25 18.84 -28.95
N VAL B 359 -22.01 20.00 -28.34
CA VAL B 359 -21.84 20.11 -26.90
C VAL B 359 -23.20 20.33 -26.26
N LEU B 360 -23.60 19.41 -25.38
CA LEU B 360 -24.86 19.53 -24.66
C LEU B 360 -24.68 20.17 -23.29
N GLY B 361 -23.49 20.05 -22.70
CA GLY B 361 -23.30 20.64 -21.39
C GLY B 361 -21.84 20.77 -21.03
N THR B 362 -21.59 21.64 -20.05
CA THR B 362 -20.26 21.83 -19.49
C THR B 362 -20.40 22.07 -17.99
N ALA B 363 -19.40 21.63 -17.24
CA ALA B 363 -19.35 21.90 -15.81
C ALA B 363 -17.89 21.96 -15.39
N ALA B 364 -17.50 23.06 -14.77
CA ALA B 364 -16.09 23.33 -14.52
C ALA B 364 -15.85 23.78 -13.09
N TYR B 365 -14.63 23.55 -12.63
CA TYR B 365 -14.16 24.09 -11.35
C TYR B 365 -12.78 24.68 -11.57
N ASP B 366 -12.66 25.99 -11.28
CA ASP B 366 -11.43 26.75 -11.42
C ASP B 366 -10.77 26.84 -10.05
N TRP B 367 -9.88 25.90 -9.77
CA TRP B 367 -9.27 25.77 -8.45
C TRP B 367 -8.36 26.94 -8.08
N THR B 368 -7.90 27.72 -9.07
CA THR B 368 -7.04 28.85 -8.76
C THR B 368 -7.82 30.06 -8.30
N ALA B 369 -9.11 30.16 -8.63
CA ALA B 369 -9.93 31.27 -8.20
C ALA B 369 -10.57 31.07 -6.84
N ASP B 370 -10.61 29.84 -6.33
CA ASP B 370 -11.12 29.60 -5.00
C ASP B 370 -10.12 30.12 -3.96
N PRO B 371 -10.53 31.01 -3.05
CA PRO B 371 -9.57 31.55 -2.08
C PRO B 371 -9.07 30.53 -1.07
N PHE B 372 -9.66 29.34 -1.02
CA PHE B 372 -9.25 28.32 -0.05
C PHE B 372 -8.54 27.16 -0.73
N SER B 373 -8.06 27.35 -1.96
CA SER B 373 -7.08 26.45 -2.55
C SER B 373 -6.03 27.25 -3.30
N LEU B 374 -6.48 28.25 -4.06
CA LEU B 374 -5.57 29.17 -4.76
C LEU B 374 -4.53 28.40 -5.55
N GLY B 375 -4.99 27.41 -6.31
CA GLY B 375 -4.13 26.48 -6.99
C GLY B 375 -4.74 25.10 -6.90
N ALA B 376 -4.10 24.12 -7.53
CA ALA B 376 -4.64 22.78 -7.57
C ALA B 376 -3.78 21.81 -6.76
N TRP B 377 -3.56 20.61 -7.30
CA TRP B 377 -2.74 19.59 -6.66
C TRP B 377 -1.32 20.12 -6.38
N ALA B 378 -0.59 19.37 -5.57
CA ALA B 378 0.76 19.77 -5.16
C ALA B 378 1.75 19.55 -6.29
N ALA B 379 2.51 20.60 -6.60
CA ALA B 379 3.53 20.55 -7.66
C ALA B 379 4.75 21.35 -7.18
N TYR B 380 5.87 20.65 -6.99
CA TYR B 380 7.07 21.26 -6.46
C TYR B 380 7.86 21.98 -7.55
N GLY B 381 8.27 23.21 -7.25
CA GLY B 381 9.23 23.90 -8.09
C GLY B 381 10.65 23.46 -7.79
N VAL B 382 11.58 24.02 -8.55
CA VAL B 382 12.97 23.61 -8.46
C VAL B 382 13.52 23.97 -7.09
N GLY B 383 14.21 23.02 -6.46
CA GLY B 383 14.84 23.23 -5.16
C GLY B 383 13.95 23.04 -3.95
N GLN B 384 12.64 22.85 -4.14
CA GLN B 384 11.74 22.80 -2.99
C GLN B 384 11.78 21.45 -2.27
N LEU B 385 11.86 20.35 -3.02
CA LEU B 385 11.76 19.03 -2.41
C LEU B 385 12.82 18.82 -1.35
N SER B 386 14.06 19.21 -1.63
CA SER B 386 15.16 18.96 -0.69
C SER B 386 15.05 19.84 0.56
N ARG B 387 14.15 20.81 0.57
CA ARG B 387 13.86 21.61 1.76
C ARG B 387 12.55 21.21 2.43
N LEU B 388 11.91 20.12 1.99
CA LEU B 388 10.55 19.86 2.45
C LEU B 388 10.44 19.75 3.96
N LYS B 389 11.53 19.35 4.64
CA LYS B 389 11.46 19.22 6.10
C LYS B 389 11.10 20.55 6.75
N ASP B 390 11.59 21.66 6.19
CA ASP B 390 11.24 22.98 6.70
C ASP B 390 9.74 23.17 6.76
N LEU B 391 9.02 22.57 5.82
CA LEU B 391 7.57 22.67 5.81
C LEU B 391 6.92 21.67 6.75
N GLN B 392 7.55 20.50 6.93
CA GLN B 392 6.98 19.46 7.77
C GLN B 392 7.11 19.75 9.26
N ALA B 393 8.06 20.59 9.65
CA ALA B 393 8.45 20.69 11.05
C ALA B 393 7.35 21.32 11.91
N ALA B 394 7.05 20.68 13.04
CA ALA B 394 6.16 21.29 14.01
C ALA B 394 6.73 22.62 14.48
N GLU B 395 5.83 23.55 14.80
CA GLU B 395 6.19 24.86 15.35
C GLU B 395 5.52 24.98 16.71
N GLY B 396 6.16 24.39 17.72
CA GLY B 396 5.61 24.40 19.05
C GLY B 396 4.37 23.53 19.16
N ARG B 397 3.23 24.16 19.43
CA ARG B 397 1.95 23.45 19.53
C ARG B 397 1.15 23.51 18.24
N ILE B 398 1.77 23.97 17.15
CA ILE B 398 1.14 23.96 15.84
C ILE B 398 1.79 22.87 15.01
N LEU B 399 0.97 21.97 14.48
CA LEU B 399 1.44 20.91 13.61
C LEU B 399 0.94 21.19 12.20
N PHE B 400 1.65 20.63 11.23
CA PHE B 400 1.45 20.95 9.83
C PHE B 400 1.32 19.66 9.04
N ALA B 401 0.23 19.57 8.27
CA ALA B 401 -0.07 18.42 7.45
C ALA B 401 -0.60 18.92 6.12
N GLY B 402 -1.12 18.01 5.32
CA GLY B 402 -1.50 18.32 3.96
C GLY B 402 -0.63 17.60 2.94
N ALA B 403 -1.17 17.45 1.73
CA ALA B 403 -0.48 16.66 0.72
C ALA B 403 0.89 17.25 0.37
N GLU B 404 1.00 18.57 0.34
CA GLU B 404 2.31 19.19 0.09
C GLU B 404 3.36 18.69 1.08
N THR B 405 2.94 18.35 2.30
CA THR B 405 3.87 18.00 3.38
C THR B 405 4.16 16.50 3.45
N SER B 406 3.62 15.69 2.54
CA SER B 406 3.84 14.26 2.61
C SER B 406 5.15 13.89 1.91
N ASN B 407 5.63 12.69 2.22
CA ASN B 407 6.87 12.17 1.66
C ASN B 407 6.66 11.32 0.42
N GLY B 408 5.50 10.66 0.29
CA GLY B 408 5.28 9.73 -0.79
C GLY B 408 4.46 10.30 -1.93
N TRP B 409 3.17 9.93 -1.99
CA TRP B 409 2.28 10.31 -3.09
C TRP B 409 1.77 11.72 -2.82
N HIS B 410 2.64 12.70 -3.08
CA HIS B 410 2.38 14.07 -2.62
C HIS B 410 1.41 14.83 -3.52
N ALA B 411 1.19 14.37 -4.74
CA ALA B 411 0.22 14.98 -5.62
C ALA B 411 -1.13 14.28 -5.56
N ASN B 412 -1.39 13.53 -4.49
CA ASN B 412 -2.48 12.58 -4.48
C ASN B 412 -3.23 12.63 -3.17
N ILE B 413 -4.42 12.01 -3.16
CA ILE B 413 -5.18 11.81 -1.93
C ILE B 413 -4.32 11.08 -0.91
N ASP B 414 -3.54 10.11 -1.40
CA ASP B 414 -2.77 9.26 -0.50
C ASP B 414 -1.79 10.08 0.33
N GLY B 415 -1.12 11.05 -0.29
CA GLY B 415 -0.20 11.88 0.47
C GLY B 415 -0.90 12.66 1.57
N ALA B 416 -2.10 13.16 1.28
CA ALA B 416 -2.89 13.83 2.31
C ALA B 416 -3.18 12.90 3.48
N VAL B 417 -3.64 11.69 3.18
CA VAL B 417 -3.92 10.74 4.26
C VAL B 417 -2.66 10.43 5.07
N GLU B 418 -1.53 10.26 4.38
CA GLU B 418 -0.24 10.06 5.04
C GLU B 418 0.04 11.18 6.03
N SER B 419 -0.08 12.42 5.58
CA SER B 419 0.19 13.55 6.46
C SER B 419 -0.79 13.58 7.63
N GLY B 420 -2.03 13.14 7.42
CA GLY B 420 -2.99 13.08 8.51
C GLY B 420 -2.59 12.07 9.58
N LEU B 421 -2.12 10.90 9.15
CA LEU B 421 -1.62 9.91 10.10
C LEU B 421 -0.44 10.46 10.88
N ARG B 422 0.49 11.12 10.18
CA ARG B 422 1.63 11.72 10.87
C ARG B 422 1.18 12.74 11.91
N ALA B 423 0.21 13.59 11.54
CA ALA B 423 -0.26 14.61 12.46
C ALA B 423 -0.92 13.99 13.67
N GLY B 424 -1.68 12.90 13.47
CA GLY B 424 -2.21 12.18 14.61
C GLY B 424 -1.12 11.71 15.56
N ARG B 425 -0.08 11.10 15.01
CA ARG B 425 1.03 10.64 15.84
C ARG B 425 1.67 11.79 16.62
N GLU B 426 1.89 12.92 15.94
CA GLU B 426 2.54 14.06 16.60
C GLU B 426 1.66 14.64 17.70
N VAL B 427 0.34 14.71 17.46
CA VAL B 427 -0.58 15.15 18.50
C VAL B 427 -0.51 14.22 19.70
N LYS B 428 -0.50 12.91 19.45
CA LYS B 428 -0.43 11.97 20.56
C LYS B 428 0.84 12.18 21.36
N GLN B 429 1.96 12.45 20.67
CA GLN B 429 3.21 12.68 21.39
C GLN B 429 3.13 13.96 22.22
N LEU B 430 2.46 14.99 21.69
CA LEU B 430 2.38 16.26 22.42
C LEU B 430 1.46 16.15 23.64
N LEU B 431 0.28 15.56 23.46
CA LEU B 431 -0.72 15.48 24.52
C LEU B 431 -0.57 14.26 25.40
N SER B 432 -0.06 13.15 24.86
CA SER B 432 -0.03 11.88 25.57
C SER B 432 -1.41 11.51 26.08
#